data_6RX5
#
_entry.id   6RX5
#
_cell.length_a   74.860
_cell.length_b   90.700
_cell.length_c   82.950
_cell.angle_alpha   90.00
_cell.angle_beta   115.73
_cell.angle_gamma   90.00
#
_symmetry.space_group_name_H-M   'P 1 21 1'
#
loop_
_entity.id
_entity.type
_entity.pdbx_description
1 polymer 'Pteridine reductase'
2 non-polymer 'NADP NICOTINAMIDE-ADENINE-DINUCLEOTIDE PHOSPHATE'
3 non-polymer 'METHYL 1-(4-{[(2,4-DIAMINOPTERIDIN-6-YL)METHYL](METHYL)AMINO}BENZOYL)PIPERIDINE-4-CARBOXYLATE'
4 non-polymer GLYCEROL
5 non-polymer 'ACETATE ION'
6 water water
#
_entity_poly.entity_id   1
_entity_poly.type   'polypeptide(L)'
_entity_poly.pdbx_seq_one_letter_code
;MGSSHHHHHHSSGLVPRGSHMEAPAAVVTGAAKRIGRAIAVKLHQTGYRVVIHYHNSAEAAVSLADELNKERSNTAVVCQ
ADLTNSNVLPASCEEIINSCFRAFGRCDVLVNNASAFYPTPLVQGDHEDNSNGKTVETQVAELIGTNAIAPFLLTMSFAQ
RQKGTNPNCTSSNLSIVNLCDAMVDQPCMAFSLYNMGKHALVGLTQSAALELAPYGIRVNGVAPGVSLLPVAMGEEEKDK
WRRKVPLGRREASAEQIADAVIFLVSGSAQYITGSIIKVDGGLSLVHA
;
_entity_poly.pdbx_strand_id   A,B,C,D
#
loop_
_chem_comp.id
_chem_comp.type
_chem_comp.name
_chem_comp.formula
ACT non-polymer 'ACETATE ION' 'C2 H3 O2 -1'
FE1 non-polymer 'METHYL 1-(4-{[(2,4-DIAMINOPTERIDIN-6-YL)METHYL](METHYL)AMINO}BENZOYL)PIPERIDINE-4-CARBOXYLATE' 'C22 H26 N8 O3'
GOL non-polymer GLYCEROL 'C3 H8 O3'
NAP non-polymer 'NADP NICOTINAMIDE-ADENINE-DINUCLEOTIDE PHOSPHATE' 'C21 H28 N7 O17 P3'
#
# COMPACT_ATOMS: atom_id res chain seq x y z
N GLU A 22 -28.99 -27.77 -8.86
CA GLU A 22 -28.10 -28.34 -7.79
C GLU A 22 -27.39 -27.24 -7.00
N ALA A 23 -27.25 -27.45 -5.70
CA ALA A 23 -26.74 -26.44 -4.81
C ALA A 23 -25.23 -26.43 -4.88
N PRO A 24 -24.60 -25.24 -4.84
CA PRO A 24 -23.16 -25.21 -4.84
C PRO A 24 -22.61 -25.69 -3.48
N ALA A 25 -21.32 -25.93 -3.39
CA ALA A 25 -20.72 -26.44 -2.18
C ALA A 25 -19.49 -25.63 -1.83
N ALA A 26 -19.26 -25.49 -0.53
CA ALA A 26 -18.11 -24.72 -0.02
C ALA A 26 -17.34 -25.48 1.04
N VAL A 27 -15.98 -25.31 1.06
CA VAL A 27 -15.16 -25.74 2.18
C VAL A 27 -14.82 -24.51 3.02
N VAL A 28 -15.03 -24.57 4.33
CA VAL A 28 -14.55 -23.50 5.26
C VAL A 28 -13.60 -24.14 6.23
N THR A 29 -12.36 -23.66 6.28
CA THR A 29 -11.43 -24.25 7.23
C THR A 29 -11.59 -23.62 8.61
N GLY A 30 -11.29 -24.37 9.67
CA GLY A 30 -11.47 -23.83 11.01
C GLY A 30 -12.88 -23.33 11.29
N ALA A 31 -13.90 -24.08 10.87
CA ALA A 31 -15.28 -23.61 10.84
C ALA A 31 -16.11 -24.02 12.07
N ALA A 32 -15.50 -24.61 13.12
CA ALA A 32 -16.35 -25.08 14.24
C ALA A 32 -16.94 -23.96 15.08
N LYS A 33 -16.22 -22.83 15.13
CA LYS A 33 -16.51 -21.77 16.08
C LYS A 33 -16.24 -20.40 15.44
N ARG A 34 -16.70 -19.35 16.14
CA ARG A 34 -16.20 -17.99 15.91
C ARG A 34 -16.40 -17.58 14.46
N ILE A 35 -15.39 -16.96 13.84
CA ILE A 35 -15.61 -16.42 12.49
C ILE A 35 -15.87 -17.53 11.47
N GLY A 36 -15.10 -18.62 11.55
CA GLY A 36 -15.31 -19.72 10.56
C GLY A 36 -16.74 -20.27 10.62
N ARG A 37 -17.28 -20.42 11.83
CA ARG A 37 -18.68 -20.87 11.95
C ARG A 37 -19.67 -19.86 11.35
N ALA A 38 -19.43 -18.55 11.57
CA ALA A 38 -20.34 -17.54 11.04
C ALA A 38 -20.31 -17.61 9.52
N ILE A 39 -19.11 -17.84 8.97
CA ILE A 39 -18.96 -17.95 7.51
C ILE A 39 -19.75 -19.18 6.98
N ALA A 40 -19.53 -20.34 7.60
CA ALA A 40 -20.28 -21.56 7.22
C ALA A 40 -21.78 -21.38 7.34
N VAL A 41 -22.24 -20.76 8.42
CA VAL A 41 -23.65 -20.51 8.62
C VAL A 41 -24.21 -19.62 7.52
N LYS A 42 -23.50 -18.52 7.22
CA LYS A 42 -24.04 -17.61 6.22
C LYS A 42 -23.97 -18.23 4.82
N LEU A 43 -22.88 -18.97 4.50
CA LEU A 43 -22.89 -19.70 3.22
C LEU A 43 -24.11 -20.66 3.15
N HIS A 44 -24.37 -21.37 4.24
CA HIS A 44 -25.47 -22.33 4.25
C HIS A 44 -26.83 -21.59 4.08
N GLN A 45 -26.99 -20.44 4.76
CA GLN A 45 -28.24 -19.65 4.60
C GLN A 45 -28.41 -19.13 3.17
N THR A 46 -27.28 -18.95 2.47
CA THR A 46 -27.28 -18.49 1.08
C THR A 46 -27.57 -19.64 0.10
N GLY A 47 -27.57 -20.89 0.60
CA GLY A 47 -27.91 -22.01 -0.26
C GLY A 47 -26.76 -22.98 -0.52
N TYR A 48 -25.58 -22.75 0.08
CA TYR A 48 -24.47 -23.68 -0.10
C TYR A 48 -24.62 -24.91 0.81
N ARG A 49 -24.10 -26.02 0.32
CA ARG A 49 -23.71 -27.18 1.12
C ARG A 49 -22.31 -26.89 1.61
N VAL A 50 -21.98 -27.32 2.84
N VAL A 50 -22.00 -27.29 2.85
CA VAL A 50 -20.72 -26.91 3.47
CA VAL A 50 -20.74 -26.93 3.49
C VAL A 50 -19.94 -28.03 4.13
C VAL A 50 -19.97 -28.15 3.97
N VAL A 51 -18.64 -28.06 3.87
CA VAL A 51 -17.72 -28.88 4.61
C VAL A 51 -17.18 -28.01 5.76
N ILE A 52 -17.42 -28.46 6.99
CA ILE A 52 -16.94 -27.79 8.18
C ILE A 52 -15.62 -28.45 8.60
N HIS A 53 -14.46 -27.88 8.21
CA HIS A 53 -13.20 -28.40 8.63
C HIS A 53 -12.95 -27.95 10.07
N TYR A 54 -12.35 -28.86 10.81
CA TYR A 54 -11.89 -28.56 12.17
C TYR A 54 -10.62 -29.32 12.49
N HIS A 55 -9.94 -28.92 13.56
CA HIS A 55 -8.75 -29.62 14.00
C HIS A 55 -9.06 -30.28 15.36
N ASN A 56 -9.18 -29.49 16.42
CA ASN A 56 -9.43 -30.05 17.75
C ASN A 56 -10.88 -29.93 18.20
N SER A 57 -11.68 -29.04 17.57
CA SER A 57 -13.02 -28.69 18.10
C SER A 57 -14.13 -29.61 17.53
N ALA A 58 -13.97 -30.90 17.83
CA ALA A 58 -14.85 -31.92 17.27
C ALA A 58 -16.30 -31.77 17.72
N GLU A 59 -16.51 -31.55 19.02
CA GLU A 59 -17.85 -31.43 19.54
C GLU A 59 -18.58 -30.21 18.88
N ALA A 60 -17.88 -29.08 18.78
CA ALA A 60 -18.44 -27.88 18.22
C ALA A 60 -18.72 -28.05 16.73
N ALA A 61 -17.82 -28.72 16.00
CA ALA A 61 -18.04 -28.99 14.57
C ALA A 61 -19.27 -29.85 14.28
N VAL A 62 -19.39 -30.94 15.05
CA VAL A 62 -20.53 -31.84 14.93
C VAL A 62 -21.83 -31.16 15.32
N SER A 63 -21.80 -30.36 16.40
CA SER A 63 -22.98 -29.59 16.82
C SER A 63 -23.45 -28.65 15.69
N LEU A 64 -22.51 -27.96 15.04
CA LEU A 64 -22.84 -27.07 13.92
C LEU A 64 -23.42 -27.84 12.71
N ALA A 65 -22.74 -28.93 12.32
CA ALA A 65 -23.22 -29.76 11.21
C ALA A 65 -24.64 -30.29 11.46
N ASP A 66 -24.90 -30.73 12.70
CA ASP A 66 -26.23 -31.16 13.12
C ASP A 66 -27.28 -30.08 12.94
N GLU A 67 -26.98 -28.86 13.39
CA GLU A 67 -27.90 -27.72 13.25
C GLU A 67 -28.18 -27.43 11.77
N LEU A 68 -27.13 -27.43 10.94
CA LEU A 68 -27.31 -27.12 9.51
C LEU A 68 -28.13 -28.22 8.80
N ASN A 69 -27.87 -29.49 9.13
CA ASN A 69 -28.60 -30.62 8.52
C ASN A 69 -30.05 -30.71 8.97
N LYS A 70 -30.32 -30.18 10.17
CA LYS A 70 -31.70 -30.09 10.68
C LYS A 70 -32.48 -29.06 9.86
N GLU A 71 -31.78 -27.98 9.44
CA GLU A 71 -32.39 -26.96 8.57
C GLU A 71 -32.64 -27.52 7.14
N ARG A 72 -31.65 -28.18 6.55
CA ARG A 72 -31.82 -28.85 5.26
C ARG A 72 -31.01 -30.12 5.27
N SER A 73 -31.67 -31.26 5.09
CA SER A 73 -31.03 -32.58 5.18
C SER A 73 -29.85 -32.72 4.19
N ASN A 74 -28.74 -33.32 4.65
CA ASN A 74 -27.58 -33.67 3.78
C ASN A 74 -26.91 -32.47 3.13
N THR A 75 -26.78 -31.42 3.92
CA THR A 75 -26.12 -30.21 3.41
C THR A 75 -24.91 -29.79 4.21
N ALA A 76 -24.47 -30.58 5.19
CA ALA A 76 -23.28 -30.22 5.97
C ALA A 76 -22.55 -31.49 6.36
N VAL A 77 -21.23 -31.50 6.20
CA VAL A 77 -20.39 -32.58 6.72
C VAL A 77 -19.23 -31.96 7.46
N VAL A 78 -18.61 -32.72 8.37
CA VAL A 78 -17.36 -32.32 9.01
C VAL A 78 -16.15 -32.98 8.38
N CYS A 79 -14.97 -32.36 8.52
CA CYS A 79 -13.74 -32.95 7.99
C CYS A 79 -12.64 -32.55 8.96
N GLN A 80 -11.95 -33.52 9.56
CA GLN A 80 -10.92 -33.21 10.55
C GLN A 80 -9.56 -33.18 9.83
N ALA A 81 -8.75 -32.15 10.12
CA ALA A 81 -7.35 -32.12 9.68
C ALA A 81 -6.50 -31.14 10.47
N ASP A 82 -5.29 -31.57 10.79
CA ASP A 82 -4.24 -30.66 11.27
C ASP A 82 -3.64 -29.96 10.05
N LEU A 83 -3.56 -28.63 10.12
CA LEU A 83 -3.00 -27.84 9.00
C LEU A 83 -1.62 -27.29 9.29
N THR A 84 -0.98 -27.80 10.36
CA THR A 84 0.45 -27.52 10.60
C THR A 84 1.28 -28.01 9.41
N ASN A 85 2.31 -27.27 9.01
CA ASN A 85 3.13 -27.79 7.91
C ASN A 85 3.87 -29.07 8.29
N SER A 86 3.95 -29.97 7.34
CA SER A 86 4.67 -31.22 7.49
C SER A 86 4.73 -31.84 6.09
N ASN A 87 5.46 -32.95 5.93
CA ASN A 87 5.49 -33.58 4.63
C ASN A 87 4.18 -34.25 4.22
N VAL A 88 3.24 -34.41 5.14
N VAL A 88 3.23 -34.39 5.14
CA VAL A 88 1.93 -34.95 4.80
CA VAL A 88 1.89 -34.92 4.86
C VAL A 88 0.89 -33.83 4.52
C VAL A 88 0.82 -33.83 4.75
N LEU A 89 1.23 -32.57 4.83
CA LEU A 89 0.26 -31.51 4.66
C LEU A 89 -0.38 -31.47 3.24
N PRO A 90 0.42 -31.67 2.16
CA PRO A 90 -0.24 -31.67 0.84
C PRO A 90 -1.34 -32.76 0.71
N ALA A 91 -1.07 -33.95 1.22
CA ALA A 91 -2.11 -35.00 1.22
C ALA A 91 -3.36 -34.61 2.07
N SER A 92 -3.13 -34.03 3.24
CA SER A 92 -4.24 -33.53 4.06
C SER A 92 -5.13 -32.51 3.34
N CYS A 93 -4.47 -31.58 2.66
CA CYS A 93 -5.21 -30.53 1.97
C CYS A 93 -5.94 -31.11 0.75
N GLU A 94 -5.31 -32.06 0.05
CA GLU A 94 -6.00 -32.74 -1.06
C GLU A 94 -7.23 -33.45 -0.51
N GLU A 95 -7.07 -34.09 0.66
CA GLU A 95 -8.18 -34.80 1.22
C GLU A 95 -9.33 -33.92 1.67
N ILE A 96 -9.01 -32.70 2.18
CA ILE A 96 -10.11 -31.77 2.52
C ILE A 96 -10.95 -31.44 1.26
N ILE A 97 -10.28 -31.12 0.14
CA ILE A 97 -11.03 -30.83 -1.09
C ILE A 97 -11.80 -32.08 -1.55
N ASN A 98 -11.11 -33.24 -1.48
CA ASN A 98 -11.76 -34.49 -1.89
C ASN A 98 -13.00 -34.77 -1.04
N SER A 99 -12.99 -34.38 0.24
N SER A 99 -12.98 -34.37 0.24
CA SER A 99 -14.16 -34.57 1.08
CA SER A 99 -14.12 -34.53 1.14
C SER A 99 -15.37 -33.79 0.59
C SER A 99 -15.36 -33.75 0.70
N CYS A 100 -15.15 -32.60 0.02
CA CYS A 100 -16.23 -31.84 -0.54
C CYS A 100 -16.85 -32.53 -1.75
N PHE A 101 -16.01 -32.99 -2.66
CA PHE A 101 -16.49 -33.72 -3.83
C PHE A 101 -17.14 -35.04 -3.41
N ARG A 102 -16.63 -35.70 -2.37
CA ARG A 102 -17.22 -37.01 -1.97
C ARG A 102 -18.64 -36.79 -1.41
N ALA A 103 -18.82 -35.71 -0.63
CA ALA A 103 -20.11 -35.45 -0.01
C ALA A 103 -21.11 -34.86 -1.00
N PHE A 104 -20.63 -33.95 -1.86
CA PHE A 104 -21.53 -33.06 -2.60
C PHE A 104 -21.35 -33.09 -4.11
N GLY A 105 -20.27 -33.72 -4.58
CA GLY A 105 -20.07 -33.86 -6.06
C GLY A 105 -19.47 -32.66 -6.76
N ARG A 106 -19.08 -31.65 -5.99
CA ARG A 106 -18.58 -30.37 -6.55
C ARG A 106 -17.93 -29.61 -5.40
N CYS A 107 -17.15 -28.59 -5.74
CA CYS A 107 -16.55 -27.70 -4.73
C CYS A 107 -16.42 -26.37 -5.43
N ASP A 108 -17.29 -25.43 -5.09
CA ASP A 108 -17.34 -24.12 -5.76
C ASP A 108 -16.57 -23.05 -5.04
N VAL A 109 -16.48 -23.15 -3.72
CA VAL A 109 -15.88 -22.09 -2.90
C VAL A 109 -14.97 -22.73 -1.85
N LEU A 110 -13.82 -22.09 -1.62
CA LEU A 110 -12.88 -22.43 -0.59
C LEU A 110 -12.65 -21.20 0.27
N VAL A 111 -12.86 -21.30 1.56
CA VAL A 111 -12.58 -20.19 2.48
C VAL A 111 -11.47 -20.62 3.42
N ASN A 112 -10.30 -19.96 3.30
CA ASN A 112 -9.12 -20.24 4.13
C ASN A 112 -9.19 -19.40 5.40
N ASN A 113 -9.85 -19.92 6.44
CA ASN A 113 -10.10 -19.23 7.67
C ASN A 113 -9.23 -19.73 8.83
N ALA A 114 -8.87 -21.03 8.89
CA ALA A 114 -8.14 -21.58 10.02
C ALA A 114 -6.81 -20.87 10.22
N SER A 115 -6.41 -20.68 11.48
CA SER A 115 -5.24 -19.87 11.73
C SER A 115 -4.72 -20.07 13.13
N ALA A 116 -3.43 -20.34 13.26
CA ALA A 116 -2.76 -20.32 14.57
C ALA A 116 -2.34 -18.88 14.82
N PHE A 117 -2.30 -18.49 16.11
CA PHE A 117 -2.03 -17.11 16.45
C PHE A 117 -1.49 -17.08 17.88
N TYR A 118 -0.24 -16.66 18.01
CA TYR A 118 0.42 -16.55 19.32
C TYR A 118 1.75 -15.87 19.11
N PRO A 119 2.28 -15.25 20.16
CA PRO A 119 3.55 -14.49 20.00
C PRO A 119 4.77 -15.41 19.86
N THR A 120 5.78 -14.92 19.14
CA THR A 120 7.06 -15.59 18.91
C THR A 120 8.11 -14.49 19.05
N PRO A 121 8.46 -14.14 20.30
CA PRO A 121 9.40 -13.01 20.46
C PRO A 121 10.75 -13.30 19.81
N LEU A 122 11.39 -12.25 19.27
CA LEU A 122 12.71 -12.42 18.64
C LEU A 122 13.81 -12.51 19.69
N VAL A 123 13.60 -11.92 20.87
CA VAL A 123 14.61 -11.95 21.93
C VAL A 123 13.96 -12.56 23.15
N GLN A 124 14.72 -13.41 23.85
CA GLN A 124 14.19 -14.27 24.93
C GLN A 124 14.58 -13.80 26.30
N LYS A 134 7.09 -25.04 23.01
CA LYS A 134 7.27 -25.45 21.62
C LYS A 134 8.63 -25.02 21.09
N THR A 135 9.20 -25.84 20.19
CA THR A 135 10.45 -25.48 19.51
C THR A 135 10.12 -24.40 18.49
N VAL A 136 11.12 -23.64 18.06
N VAL A 136 11.15 -23.67 18.08
CA VAL A 136 10.86 -22.61 17.04
CA VAL A 136 10.99 -22.64 17.07
C VAL A 136 10.42 -23.26 15.73
C VAL A 136 10.49 -23.23 15.75
N GLU A 137 10.98 -24.44 15.41
CA GLU A 137 10.56 -25.10 14.18
C GLU A 137 9.09 -25.56 14.25
N THR A 138 8.59 -25.97 15.42
CA THR A 138 7.14 -26.20 15.58
C THR A 138 6.32 -24.92 15.41
N GLN A 139 6.83 -23.81 15.96
CA GLN A 139 6.15 -22.53 15.78
C GLN A 139 6.08 -22.12 14.30
N VAL A 140 7.18 -22.30 13.59
CA VAL A 140 7.20 -22.03 12.14
C VAL A 140 6.14 -22.92 11.45
N ALA A 141 6.15 -24.22 11.76
CA ALA A 141 5.25 -25.13 11.06
C ALA A 141 3.79 -24.78 11.34
N GLU A 142 3.48 -24.40 12.58
CA GLU A 142 2.12 -24.02 12.95
C GLU A 142 1.68 -22.68 12.37
N LEU A 143 2.50 -21.63 12.58
CA LEU A 143 2.07 -20.29 12.22
C LEU A 143 2.15 -20.12 10.72
N ILE A 144 3.25 -20.52 10.10
CA ILE A 144 3.38 -20.42 8.64
C ILE A 144 2.55 -21.49 7.93
N GLY A 145 2.44 -22.67 8.53
CA GLY A 145 1.60 -23.72 7.92
C GLY A 145 0.15 -23.34 7.86
N THR A 146 -0.44 -22.98 8.99
CA THR A 146 -1.87 -22.70 8.99
C THR A 146 -2.22 -21.44 8.20
N ASN A 147 -1.41 -20.39 8.35
CA ASN A 147 -1.81 -19.10 7.73
C ASN A 147 -1.42 -18.97 6.28
N ALA A 148 -0.46 -19.80 5.83
CA ALA A 148 0.06 -19.63 4.47
C ALA A 148 0.23 -20.90 3.65
N ILE A 149 0.91 -21.90 4.19
CA ILE A 149 1.21 -23.06 3.38
C ILE A 149 -0.05 -23.89 3.12
N ALA A 150 -0.87 -24.10 4.16
CA ALA A 150 -2.11 -24.88 3.95
C ALA A 150 -3.04 -24.13 2.96
N PRO A 151 -3.23 -22.76 3.08
CA PRO A 151 -3.98 -22.08 2.04
C PRO A 151 -3.42 -22.31 0.64
N PHE A 152 -2.09 -22.31 0.50
CA PHE A 152 -1.47 -22.54 -0.81
C PHE A 152 -1.80 -23.95 -1.32
N LEU A 153 -1.63 -24.97 -0.46
CA LEU A 153 -1.92 -26.36 -0.88
C LEU A 153 -3.39 -26.58 -1.15
N LEU A 154 -4.26 -25.99 -0.32
CA LEU A 154 -5.70 -26.07 -0.58
C LEU A 154 -6.09 -25.40 -1.88
N THR A 155 -5.40 -24.29 -2.20
CA THR A 155 -5.66 -23.60 -3.46
C THR A 155 -5.23 -24.48 -4.63
N MET A 156 -4.05 -25.10 -4.53
CA MET A 156 -3.59 -26.07 -5.55
CA MET A 156 -3.60 -26.05 -5.54
C MET A 156 -4.61 -27.19 -5.75
N SER A 157 -5.05 -27.80 -4.64
CA SER A 157 -5.99 -28.93 -4.75
C SER A 157 -7.36 -28.49 -5.28
N PHE A 158 -7.83 -27.32 -4.83
CA PHE A 158 -9.10 -26.79 -5.33
C PHE A 158 -9.04 -26.59 -6.84
N ALA A 159 -7.96 -25.98 -7.32
CA ALA A 159 -7.86 -25.72 -8.75
C ALA A 159 -7.67 -27.00 -9.57
N GLN A 160 -6.92 -27.95 -9.02
CA GLN A 160 -6.61 -29.18 -9.74
C GLN A 160 -7.85 -30.04 -9.93
N ARG A 161 -8.70 -30.05 -8.90
CA ARG A 161 -9.95 -30.83 -8.98
C ARG A 161 -10.96 -30.26 -9.97
N GLN A 162 -10.88 -28.95 -10.26
CA GLN A 162 -11.77 -28.38 -11.26
C GLN A 162 -11.50 -28.93 -12.66
N LYS A 163 -10.26 -29.33 -12.94
CA LYS A 163 -9.86 -29.84 -14.26
C LYS A 163 -10.66 -31.07 -14.73
N GLY A 164 -11.16 -31.86 -13.78
CA GLY A 164 -11.91 -33.06 -14.11
C GLY A 164 -13.40 -32.84 -14.29
N THR A 165 -13.90 -31.74 -13.73
CA THR A 165 -15.33 -31.47 -13.72
C THR A 165 -15.86 -31.17 -15.11
N ASN A 166 -17.17 -31.36 -15.28
CA ASN A 166 -17.82 -30.95 -16.51
C ASN A 166 -17.83 -29.44 -16.53
N PRO A 167 -17.72 -28.84 -17.72
CA PRO A 167 -17.79 -27.40 -17.80
C PRO A 167 -19.19 -26.87 -17.47
N ASN A 168 -19.25 -25.71 -16.83
CA ASN A 168 -20.52 -25.04 -16.60
C ASN A 168 -20.40 -23.60 -17.06
N CYS A 169 -20.18 -23.41 -18.36
CA CYS A 169 -19.84 -22.11 -18.91
C CYS A 169 -20.89 -21.03 -18.75
N THR A 170 -22.02 -21.36 -18.13
CA THR A 170 -23.12 -20.40 -18.07
C THR A 170 -23.52 -20.01 -16.66
N SER A 171 -23.21 -20.85 -15.68
CA SER A 171 -23.61 -20.58 -14.30
C SER A 171 -22.52 -20.84 -13.26
N SER A 172 -21.29 -21.03 -13.73
CA SER A 172 -20.15 -21.34 -12.85
C SER A 172 -19.68 -20.09 -12.12
N ASN A 173 -19.47 -20.21 -10.81
CA ASN A 173 -18.97 -19.07 -10.01
C ASN A 173 -18.01 -19.60 -8.93
N LEU A 174 -16.79 -19.94 -9.36
CA LEU A 174 -15.77 -20.50 -8.48
C LEU A 174 -14.94 -19.41 -7.82
N SER A 175 -14.72 -19.52 -6.52
CA SER A 175 -13.86 -18.56 -5.88
C SER A 175 -13.25 -19.06 -4.59
N ILE A 176 -12.20 -18.36 -4.20
CA ILE A 176 -11.45 -18.64 -2.96
C ILE A 176 -11.45 -17.31 -2.20
N VAL A 177 -11.69 -17.37 -0.89
CA VAL A 177 -11.57 -16.21 -0.02
C VAL A 177 -10.63 -16.52 1.11
N ASN A 178 -9.57 -15.73 1.25
CA ASN A 178 -8.60 -15.89 2.31
C ASN A 178 -8.84 -14.90 3.43
N LEU A 179 -8.81 -15.35 4.66
CA LEU A 179 -8.97 -14.48 5.84
C LEU A 179 -7.59 -13.91 6.20
N CYS A 180 -7.45 -12.62 5.92
CA CYS A 180 -6.20 -11.86 6.02
C CYS A 180 -6.21 -11.10 7.36
N ASP A 181 -5.50 -9.98 7.42
CA ASP A 181 -5.45 -9.22 8.69
C ASP A 181 -5.28 -7.74 8.28
N ALA A 182 -6.21 -6.89 8.68
CA ALA A 182 -6.14 -5.46 8.31
C ALA A 182 -4.93 -4.76 8.90
N MET A 183 -4.35 -5.34 9.96
CA MET A 183 -3.23 -4.75 10.66
C MET A 183 -1.88 -5.33 10.22
N VAL A 184 -1.86 -5.99 9.06
CA VAL A 184 -0.64 -6.67 8.59
C VAL A 184 0.58 -5.73 8.45
N ASP A 185 0.34 -4.44 8.15
CA ASP A 185 1.44 -3.49 8.06
C ASP A 185 1.66 -2.63 9.32
N GLN A 186 0.88 -2.88 10.37
CA GLN A 186 1.12 -2.29 11.68
C GLN A 186 1.07 -3.41 12.71
N PRO A 187 2.09 -4.26 12.70
CA PRO A 187 1.94 -5.54 13.41
C PRO A 187 1.99 -5.44 14.94
N CYS A 188 1.43 -6.45 15.62
CA CYS A 188 1.51 -6.54 17.06
C CYS A 188 2.92 -6.90 17.45
N MET A 189 3.39 -6.25 18.52
CA MET A 189 4.65 -6.52 19.12
C MET A 189 4.85 -8.02 19.42
N ALA A 190 5.96 -8.58 18.94
CA ALA A 190 6.40 -9.97 19.22
C ALA A 190 5.61 -11.04 18.50
N PHE A 191 4.89 -10.64 17.46
CA PHE A 191 4.19 -11.59 16.58
C PHE A 191 4.81 -11.75 15.19
N SER A 192 6.13 -11.81 15.09
N SER A 192 6.13 -11.82 15.12
CA SER A 192 6.76 -11.85 13.77
CA SER A 192 6.86 -11.93 13.83
C SER A 192 6.34 -13.04 12.90
C SER A 192 6.34 -13.04 12.94
N LEU A 193 6.33 -14.28 13.45
CA LEU A 193 5.96 -15.40 12.58
C LEU A 193 4.52 -15.36 12.14
N TYR A 194 3.62 -15.01 13.07
CA TYR A 194 2.24 -14.77 12.68
C TYR A 194 2.12 -13.74 11.53
N ASN A 195 2.81 -12.61 11.71
CA ASN A 195 2.65 -11.52 10.71
C ASN A 195 3.30 -11.92 9.38
N MET A 196 4.38 -12.70 9.45
CA MET A 196 5.04 -13.22 8.25
C MET A 196 4.05 -14.12 7.50
N GLY A 197 3.35 -14.98 8.26
CA GLY A 197 2.36 -15.91 7.63
C GLY A 197 1.21 -15.12 6.98
N LYS A 198 0.68 -14.09 7.68
CA LYS A 198 -0.36 -13.27 7.06
C LYS A 198 0.11 -12.47 5.88
N HIS A 199 1.35 -11.99 5.91
CA HIS A 199 1.93 -11.35 4.70
C HIS A 199 2.04 -12.31 3.54
N ALA A 200 2.48 -13.55 3.84
CA ALA A 200 2.56 -14.57 2.78
C ALA A 200 1.18 -14.84 2.21
N LEU A 201 0.14 -14.78 3.07
CA LEU A 201 -1.21 -15.02 2.58
C LEU A 201 -1.68 -13.90 1.63
N VAL A 202 -1.24 -12.64 1.86
CA VAL A 202 -1.52 -11.59 0.89
C VAL A 202 -0.85 -11.94 -0.46
N GLY A 203 0.43 -12.36 -0.41
CA GLY A 203 1.15 -12.80 -1.59
C GLY A 203 0.40 -13.92 -2.33
N LEU A 204 -0.06 -14.94 -1.58
CA LEU A 204 -0.82 -16.01 -2.21
C LEU A 204 -2.08 -15.47 -2.89
N THR A 205 -2.81 -14.60 -2.17
CA THR A 205 -4.07 -14.09 -2.68
C THR A 205 -3.85 -13.44 -4.07
N GLN A 206 -2.80 -12.64 -4.17
CA GLN A 206 -2.53 -11.92 -5.40
C GLN A 206 -1.94 -12.84 -6.49
N SER A 207 -1.00 -13.71 -6.12
CA SER A 207 -0.38 -14.63 -7.09
C SER A 207 -1.44 -15.63 -7.63
N ALA A 208 -2.32 -16.15 -6.75
CA ALA A 208 -3.31 -17.13 -7.20
C ALA A 208 -4.38 -16.42 -8.01
N ALA A 209 -4.72 -15.17 -7.64
CA ALA A 209 -5.67 -14.43 -8.46
C ALA A 209 -5.18 -14.33 -9.93
N LEU A 210 -3.92 -13.97 -10.13
N LEU A 210 -3.90 -13.98 -10.09
CA LEU A 210 -3.38 -13.86 -11.50
CA LEU A 210 -3.27 -13.83 -11.40
C LEU A 210 -3.39 -15.22 -12.19
C LEU A 210 -3.26 -15.15 -12.18
N GLU A 211 -2.86 -16.21 -11.50
CA GLU A 211 -2.60 -17.51 -12.16
C GLU A 211 -3.91 -18.28 -12.43
N LEU A 212 -4.92 -18.09 -11.58
CA LEU A 212 -6.15 -18.87 -11.71
C LEU A 212 -7.24 -18.11 -12.49
N ALA A 213 -7.05 -16.81 -12.76
CA ALA A 213 -8.01 -16.06 -13.59
C ALA A 213 -8.35 -16.76 -14.91
N PRO A 214 -7.36 -17.37 -15.62
CA PRO A 214 -7.75 -18.04 -16.88
C PRO A 214 -8.75 -19.20 -16.69
N TYR A 215 -8.81 -19.77 -15.48
CA TYR A 215 -9.69 -20.89 -15.15
C TYR A 215 -11.03 -20.41 -14.59
N GLY A 216 -11.18 -19.08 -14.50
CA GLY A 216 -12.36 -18.47 -13.97
C GLY A 216 -12.50 -18.66 -12.48
N ILE A 217 -11.38 -18.85 -11.79
CA ILE A 217 -11.41 -18.93 -10.31
C ILE A 217 -10.95 -17.58 -9.78
N ARG A 218 -11.84 -16.91 -9.07
CA ARG A 218 -11.48 -15.61 -8.45
C ARG A 218 -10.87 -15.87 -7.09
N VAL A 219 -9.94 -15.03 -6.65
CA VAL A 219 -9.25 -15.26 -5.36
C VAL A 219 -9.14 -13.91 -4.67
N ASN A 220 -9.82 -13.78 -3.53
CA ASN A 220 -9.94 -12.52 -2.82
C ASN A 220 -9.64 -12.70 -1.35
N GLY A 221 -9.57 -11.61 -0.59
CA GLY A 221 -9.34 -11.65 0.84
C GLY A 221 -10.32 -10.79 1.58
N VAL A 222 -10.55 -11.16 2.86
CA VAL A 222 -11.27 -10.34 3.80
C VAL A 222 -10.36 -10.16 4.97
N ALA A 223 -10.15 -8.88 5.37
CA ALA A 223 -9.12 -8.56 6.36
C ALA A 223 -9.79 -7.92 7.60
N PRO A 224 -10.10 -8.71 8.65
CA PRO A 224 -10.66 -8.11 9.88
C PRO A 224 -9.57 -7.27 10.57
N GLY A 225 -10.02 -6.27 11.33
CA GLY A 225 -9.13 -5.57 12.25
C GLY A 225 -9.26 -6.21 13.63
N VAL A 226 -10.11 -5.66 14.47
CA VAL A 226 -10.48 -6.33 15.74
C VAL A 226 -11.87 -6.89 15.49
N SER A 227 -11.95 -8.20 15.49
CA SER A 227 -13.22 -8.89 15.52
C SER A 227 -13.26 -9.63 16.82
N LEU A 228 -13.76 -10.87 16.83
CA LEU A 228 -14.00 -11.57 18.13
C LEU A 228 -12.67 -11.66 18.89
N LEU A 229 -12.65 -11.15 20.11
CA LEU A 229 -11.46 -11.21 20.94
C LEU A 229 -11.31 -12.66 21.47
N PRO A 230 -10.08 -13.04 21.89
CA PRO A 230 -9.88 -14.41 22.41
C PRO A 230 -10.79 -14.67 23.60
N VAL A 231 -11.31 -15.91 23.69
CA VAL A 231 -12.24 -16.27 24.77
C VAL A 231 -11.58 -16.05 26.13
N ALA A 232 -10.28 -16.28 26.19
CA ALA A 232 -9.55 -16.19 27.45
C ALA A 232 -9.10 -14.77 27.80
N MET A 233 -9.27 -13.82 26.90
CA MET A 233 -8.84 -12.44 27.17
C MET A 233 -9.77 -11.80 28.21
N GLY A 234 -9.18 -11.12 29.21
CA GLY A 234 -9.96 -10.41 30.22
C GLY A 234 -10.71 -9.24 29.62
N GLU A 235 -11.84 -8.88 30.22
CA GLU A 235 -12.71 -7.84 29.69
C GLU A 235 -11.99 -6.48 29.60
N GLU A 236 -11.18 -6.15 30.61
CA GLU A 236 -10.42 -4.88 30.57
C GLU A 236 -9.53 -4.80 29.31
N GLU A 237 -8.91 -5.93 28.98
CA GLU A 237 -8.02 -5.98 27.82
C GLU A 237 -8.85 -5.92 26.53
N LYS A 238 -9.98 -6.63 26.51
CA LYS A 238 -10.87 -6.53 25.36
C LYS A 238 -11.29 -5.06 25.14
N ASP A 239 -11.63 -4.34 26.22
CA ASP A 239 -12.08 -2.95 26.07
C ASP A 239 -10.96 -2.03 25.57
N LYS A 240 -9.71 -2.35 25.93
CA LYS A 240 -8.55 -1.61 25.39
CA LYS A 240 -8.55 -1.62 25.39
C LYS A 240 -8.55 -1.67 23.86
N TRP A 241 -8.86 -2.85 23.31
CA TRP A 241 -8.89 -3.03 21.86
C TRP A 241 -10.11 -2.34 21.24
N ARG A 242 -11.26 -2.54 21.89
CA ARG A 242 -12.51 -1.95 21.38
C ARG A 242 -12.41 -0.43 21.28
N ARG A 243 -11.79 0.20 22.28
CA ARG A 243 -11.73 1.66 22.33
C ARG A 243 -10.88 2.24 21.19
N LYS A 244 -10.09 1.41 20.54
CA LYS A 244 -9.25 1.88 19.41
C LYS A 244 -10.05 2.08 18.12
N VAL A 245 -11.24 1.48 18.01
CA VAL A 245 -11.92 1.40 16.71
C VAL A 245 -12.76 2.65 16.46
N PRO A 246 -12.47 3.40 15.39
CA PRO A 246 -13.23 4.67 15.16
C PRO A 246 -14.74 4.47 14.98
N LEU A 247 -15.10 3.40 14.24
CA LEU A 247 -16.52 3.21 13.91
C LEU A 247 -17.22 2.39 15.00
N GLY A 248 -17.75 3.09 16.00
CA GLY A 248 -18.52 2.46 17.08
C GLY A 248 -17.75 1.98 18.28
N ARG A 249 -16.40 2.06 18.27
CA ARG A 249 -15.60 1.67 19.47
C ARG A 249 -15.97 0.26 19.96
N ARG A 250 -16.07 -0.63 18.98
CA ARG A 250 -16.46 -2.02 19.26
C ARG A 250 -15.85 -2.90 18.16
N GLU A 251 -15.68 -4.18 18.50
CA GLU A 251 -15.17 -5.14 17.54
C GLU A 251 -16.22 -5.52 16.49
N ALA A 252 -15.77 -6.00 15.33
CA ALA A 252 -16.68 -6.57 14.33
C ALA A 252 -17.33 -7.81 14.88
N SER A 253 -18.62 -7.95 14.65
CA SER A 253 -19.22 -9.26 14.92
C SER A 253 -18.73 -10.28 13.90
N ALA A 254 -18.87 -11.57 14.26
CA ALA A 254 -18.51 -12.61 13.32
C ALA A 254 -19.37 -12.48 12.03
N GLU A 255 -20.66 -12.13 12.18
CA GLU A 255 -21.53 -11.96 11.02
CA GLU A 255 -21.56 -11.95 11.02
C GLU A 255 -21.06 -10.85 10.07
N GLN A 256 -20.50 -9.78 10.65
CA GLN A 256 -20.00 -8.68 9.79
C GLN A 256 -18.80 -9.13 8.94
N ILE A 257 -17.93 -9.98 9.48
CA ILE A 257 -16.84 -10.54 8.69
C ILE A 257 -17.45 -11.44 7.61
N ALA A 258 -18.39 -12.30 8.02
CA ALA A 258 -19.00 -13.24 7.06
C ALA A 258 -19.72 -12.53 5.93
N ASP A 259 -20.33 -11.35 6.21
CA ASP A 259 -20.99 -10.59 5.16
C ASP A 259 -20.05 -10.24 4.00
N ALA A 260 -18.81 -9.91 4.33
CA ALA A 260 -17.88 -9.55 3.28
C ALA A 260 -17.44 -10.80 2.50
N VAL A 261 -17.34 -11.97 3.14
CA VAL A 261 -17.07 -13.20 2.43
C VAL A 261 -18.21 -13.53 1.48
N ILE A 262 -19.46 -13.36 1.95
CA ILE A 262 -20.63 -13.68 1.12
C ILE A 262 -20.65 -12.77 -0.12
N PHE A 263 -20.32 -11.49 0.06
CA PHE A 263 -20.30 -10.60 -1.09
C PHE A 263 -19.24 -11.07 -2.10
N LEU A 264 -18.06 -11.43 -1.61
CA LEU A 264 -16.99 -11.81 -2.54
C LEU A 264 -17.27 -13.11 -3.29
N VAL A 265 -18.05 -14.02 -2.70
CA VAL A 265 -18.36 -15.26 -3.44
C VAL A 265 -19.55 -15.10 -4.37
N SER A 266 -20.29 -14.00 -4.20
CA SER A 266 -21.54 -13.79 -4.91
C SER A 266 -21.33 -13.33 -6.34
N GLY A 267 -22.42 -13.39 -7.12
CA GLY A 267 -22.46 -12.80 -8.46
C GLY A 267 -22.20 -11.29 -8.50
N SER A 268 -22.41 -10.60 -7.38
CA SER A 268 -22.18 -9.16 -7.34
C SER A 268 -20.69 -8.82 -7.31
N ALA A 269 -19.79 -9.82 -7.24
CA ALA A 269 -18.34 -9.63 -7.21
C ALA A 269 -17.65 -10.36 -8.38
N GLN A 270 -18.42 -10.65 -9.44
CA GLN A 270 -17.87 -11.46 -10.54
C GLN A 270 -16.70 -10.90 -11.30
N TYR A 271 -16.48 -9.58 -11.18
CA TYR A 271 -15.26 -8.99 -11.79
C TYR A 271 -14.15 -8.73 -10.79
N ILE A 272 -14.37 -9.08 -9.52
CA ILE A 272 -13.38 -8.80 -8.46
C ILE A 272 -12.47 -9.99 -8.24
N THR A 273 -11.16 -9.79 -8.45
CA THR A 273 -10.22 -10.83 -8.15
C THR A 273 -8.91 -10.14 -7.74
N GLY A 274 -8.23 -10.71 -6.76
CA GLY A 274 -7.01 -10.15 -6.18
C GLY A 274 -7.27 -9.01 -5.21
N SER A 275 -8.53 -8.78 -4.81
CA SER A 275 -8.88 -7.67 -3.91
C SER A 275 -8.93 -8.17 -2.47
N ILE A 276 -8.44 -7.35 -1.53
CA ILE A 276 -8.55 -7.65 -0.10
C ILE A 276 -9.41 -6.56 0.53
N ILE A 277 -10.56 -6.93 1.06
CA ILE A 277 -11.56 -5.97 1.63
C ILE A 277 -11.27 -5.88 3.15
N LYS A 278 -10.80 -4.73 3.62
CA LYS A 278 -10.71 -4.52 5.07
C LYS A 278 -12.10 -4.39 5.65
N VAL A 279 -12.32 -5.09 6.76
CA VAL A 279 -13.53 -4.97 7.53
C VAL A 279 -13.10 -4.64 8.95
N ASP A 280 -12.76 -3.36 9.17
CA ASP A 280 -12.00 -2.99 10.35
C ASP A 280 -12.48 -1.73 11.06
N GLY A 281 -13.61 -1.17 10.63
CA GLY A 281 -14.18 -0.02 11.39
C GLY A 281 -13.25 1.20 11.39
N GLY A 282 -12.29 1.20 10.46
CA GLY A 282 -11.33 2.31 10.35
C GLY A 282 -10.06 2.11 11.18
N LEU A 283 -9.91 0.95 11.85
CA LEU A 283 -8.80 0.75 12.79
C LEU A 283 -7.42 1.00 12.16
N SER A 284 -7.22 0.48 10.96
CA SER A 284 -5.91 0.58 10.25
C SER A 284 -5.55 2.01 9.91
N LEU A 285 -6.52 2.95 9.99
CA LEU A 285 -6.27 4.37 9.64
C LEU A 285 -5.78 5.19 10.83
N VAL A 286 -5.75 4.59 12.02
CA VAL A 286 -5.49 5.32 13.26
C VAL A 286 -3.99 5.32 13.54
N HIS A 287 -3.38 6.49 13.68
CA HIS A 287 -1.96 6.58 14.02
C HIS A 287 -1.67 6.28 15.49
N ALA A 288 -0.41 5.97 15.79
CA ALA A 288 0.09 5.78 17.15
C ALA A 288 -0.29 6.92 18.09
N GLU B 22 -40.02 4.97 5.19
CA GLU B 22 -39.67 6.00 4.17
C GLU B 22 -38.36 5.69 3.43
N ALA B 23 -38.31 6.03 2.15
CA ALA B 23 -37.19 5.57 1.33
C ALA B 23 -35.96 6.46 1.54
N PRO B 24 -34.77 5.83 1.58
CA PRO B 24 -33.55 6.66 1.69
C PRO B 24 -33.29 7.41 0.36
N ALA B 25 -32.35 8.35 0.40
CA ALA B 25 -32.02 9.15 -0.76
C ALA B 25 -30.51 9.21 -0.99
N ALA B 26 -30.13 9.31 -2.26
CA ALA B 26 -28.72 9.35 -2.66
C ALA B 26 -28.48 10.43 -3.68
N VAL B 27 -27.31 11.04 -3.57
CA VAL B 27 -26.78 11.96 -4.61
C VAL B 27 -25.68 11.17 -5.37
N VAL B 28 -25.78 11.15 -6.71
CA VAL B 28 -24.72 10.57 -7.53
C VAL B 28 -24.22 11.67 -8.45
N THR B 29 -22.90 11.95 -8.37
CA THR B 29 -22.37 12.99 -9.29
C THR B 29 -22.00 12.39 -10.63
N GLY B 30 -22.17 13.20 -11.68
CA GLY B 30 -21.88 12.74 -13.06
C GLY B 30 -22.71 11.52 -13.42
N ALA B 31 -24.02 11.58 -13.14
CA ALA B 31 -24.89 10.38 -13.19
C ALA B 31 -25.64 10.24 -14.48
N ALA B 32 -25.42 11.12 -15.46
CA ALA B 32 -26.21 11.05 -16.72
C ALA B 32 -25.82 9.84 -17.58
N LYS B 33 -24.57 9.40 -17.52
CA LYS B 33 -24.07 8.41 -18.48
C LYS B 33 -23.16 7.40 -17.78
N ARG B 34 -22.93 6.30 -18.48
CA ARG B 34 -21.83 5.40 -18.19
C ARG B 34 -21.87 4.90 -16.73
N ILE B 35 -20.78 4.96 -15.99
CA ILE B 35 -20.77 4.35 -14.65
C ILE B 35 -21.71 5.06 -13.68
N GLY B 36 -21.71 6.39 -13.71
CA GLY B 36 -22.60 7.09 -12.80
C GLY B 36 -24.08 6.78 -13.05
N ARG B 37 -24.46 6.67 -14.33
CA ARG B 37 -25.81 6.25 -14.67
C ARG B 37 -26.16 4.87 -14.12
N ALA B 38 -25.23 3.95 -14.23
CA ALA B 38 -25.51 2.58 -13.75
C ALA B 38 -25.64 2.54 -12.21
N ILE B 39 -24.83 3.35 -11.55
CA ILE B 39 -24.96 3.53 -10.12
C ILE B 39 -26.30 4.06 -9.73
N ALA B 40 -26.71 5.16 -10.37
CA ALA B 40 -27.97 5.74 -10.05
C ALA B 40 -29.11 4.69 -10.28
N VAL B 41 -29.03 3.95 -11.39
CA VAL B 41 -30.12 2.95 -11.69
C VAL B 41 -30.13 1.88 -10.60
N LYS B 42 -28.96 1.34 -10.23
CA LYS B 42 -28.91 0.30 -9.19
C LYS B 42 -29.34 0.79 -7.83
N LEU B 43 -28.93 2.02 -7.46
CA LEU B 43 -29.46 2.57 -6.23
C LEU B 43 -30.99 2.66 -6.28
N HIS B 44 -31.53 3.17 -7.39
CA HIS B 44 -32.98 3.30 -7.51
C HIS B 44 -33.67 1.93 -7.42
N GLN B 45 -33.07 0.92 -8.05
CA GLN B 45 -33.62 -0.46 -7.98
C GLN B 45 -33.59 -1.04 -6.57
N THR B 46 -32.68 -0.56 -5.74
CA THR B 46 -32.51 -1.00 -4.35
C THR B 46 -33.49 -0.26 -3.45
N GLY B 47 -34.10 0.80 -3.95
CA GLY B 47 -35.14 1.52 -3.23
C GLY B 47 -34.79 2.98 -2.88
N TYR B 48 -33.66 3.50 -3.38
CA TYR B 48 -33.28 4.88 -3.09
C TYR B 48 -33.99 5.84 -4.02
N ARG B 49 -34.31 7.01 -3.49
CA ARG B 49 -34.63 8.16 -4.34
C ARG B 49 -33.27 8.75 -4.73
N VAL B 50 -33.17 9.32 -5.94
CA VAL B 50 -31.87 9.79 -6.42
CA VAL B 50 -31.88 9.77 -6.47
C VAL B 50 -31.86 11.23 -6.96
N VAL B 51 -30.79 11.94 -6.62
CA VAL B 51 -30.41 13.20 -7.30
C VAL B 51 -29.35 12.85 -8.34
N ILE B 52 -29.73 13.09 -9.60
CA ILE B 52 -28.83 12.84 -10.74
C ILE B 52 -28.10 14.14 -11.04
N HIS B 53 -26.87 14.25 -10.56
CA HIS B 53 -26.09 15.46 -10.88
C HIS B 53 -25.50 15.30 -12.28
N TYR B 54 -25.43 16.42 -13.01
CA TYR B 54 -24.79 16.43 -14.34
C TYR B 54 -24.15 17.79 -14.56
N HIS B 55 -23.29 17.88 -15.59
CA HIS B 55 -22.63 19.12 -15.94
C HIS B 55 -23.14 19.53 -17.32
N ASN B 56 -22.71 18.82 -18.39
CA ASN B 56 -23.13 19.14 -19.75
C ASN B 56 -24.23 18.24 -20.31
N SER B 57 -24.42 17.08 -19.71
CA SER B 57 -25.33 16.08 -20.34
C SER B 57 -26.79 16.22 -19.87
N ALA B 58 -27.39 17.38 -20.11
CA ALA B 58 -28.78 17.66 -19.63
C ALA B 58 -29.76 16.65 -20.24
N GLU B 59 -29.68 16.42 -21.55
CA GLU B 59 -30.72 15.57 -22.16
C GLU B 59 -30.66 14.16 -21.57
N ALA B 60 -29.45 13.63 -21.39
CA ALA B 60 -29.31 12.27 -20.83
C ALA B 60 -29.72 12.25 -19.35
N ALA B 61 -29.41 13.30 -18.59
CA ALA B 61 -29.80 13.34 -17.18
C ALA B 61 -31.31 13.34 -17.05
N VAL B 62 -31.98 14.16 -17.86
CA VAL B 62 -33.45 14.28 -17.84
C VAL B 62 -34.08 12.98 -18.33
N SER B 63 -33.48 12.35 -19.34
CA SER B 63 -34.04 11.07 -19.81
CA SER B 63 -33.98 11.04 -19.82
C SER B 63 -33.94 9.99 -18.70
N LEU B 64 -32.85 9.98 -17.96
CA LEU B 64 -32.70 9.04 -16.85
C LEU B 64 -33.76 9.35 -15.76
N ALA B 65 -33.92 10.62 -15.41
CA ALA B 65 -34.88 10.96 -14.35
C ALA B 65 -36.29 10.57 -14.77
N ASP B 66 -36.62 10.83 -16.03
CA ASP B 66 -37.94 10.44 -16.54
C ASP B 66 -38.16 8.93 -16.48
N GLU B 67 -37.14 8.16 -16.83
CA GLU B 67 -37.22 6.68 -16.79
C GLU B 67 -37.49 6.23 -15.35
N LEU B 68 -36.74 6.77 -14.42
CA LEU B 68 -36.87 6.38 -13.02
C LEU B 68 -38.17 6.83 -12.40
N ASN B 69 -38.66 8.03 -12.76
CA ASN B 69 -39.95 8.47 -12.27
C ASN B 69 -41.13 7.71 -12.88
N LYS B 70 -40.95 7.18 -14.11
CA LYS B 70 -41.97 6.33 -14.72
C LYS B 70 -42.05 5.06 -13.88
N GLU B 71 -40.91 4.55 -13.42
CA GLU B 71 -40.88 3.36 -12.59
C GLU B 71 -41.55 3.62 -11.23
N ARG B 72 -41.24 4.75 -10.55
CA ARG B 72 -41.90 5.13 -9.31
CA ARG B 72 -41.84 5.13 -9.26
C ARG B 72 -41.90 6.65 -9.23
N SER B 73 -43.09 7.20 -9.14
CA SER B 73 -43.27 8.66 -9.17
CA SER B 73 -43.25 8.66 -9.19
C SER B 73 -42.50 9.34 -8.07
N ASN B 74 -41.89 10.49 -8.40
CA ASN B 74 -41.24 11.38 -7.39
C ASN B 74 -40.05 10.75 -6.69
N THR B 75 -39.26 10.02 -7.48
CA THR B 75 -38.09 9.34 -6.92
C THR B 75 -36.76 9.76 -7.57
N ALA B 76 -36.81 10.71 -8.52
CA ALA B 76 -35.57 11.15 -9.18
C ALA B 76 -35.69 12.60 -9.50
N VAL B 77 -34.62 13.36 -9.25
CA VAL B 77 -34.58 14.75 -9.77
C VAL B 77 -33.20 14.91 -10.38
N VAL B 78 -32.97 15.98 -11.15
CA VAL B 78 -31.61 16.29 -11.66
C VAL B 78 -31.07 17.56 -10.97
N CYS B 79 -29.75 17.73 -10.97
CA CYS B 79 -29.15 18.93 -10.43
C CYS B 79 -27.96 19.25 -11.29
N GLN B 80 -27.97 20.42 -11.94
CA GLN B 80 -26.81 20.79 -12.79
C GLN B 80 -25.73 21.53 -11.98
N ALA B 81 -24.48 21.16 -12.21
CA ALA B 81 -23.35 21.93 -11.64
C ALA B 81 -22.06 21.61 -12.31
N ASP B 82 -21.25 22.67 -12.54
CA ASP B 82 -19.84 22.49 -12.87
C ASP B 82 -19.05 22.22 -11.59
N LEU B 83 -18.25 21.15 -11.59
CA LEU B 83 -17.47 20.79 -10.41
C LEU B 83 -15.99 21.15 -10.56
N THR B 84 -15.68 21.96 -11.57
CA THR B 84 -14.35 22.55 -11.67
C THR B 84 -14.07 23.40 -10.41
N ASN B 85 -12.84 23.41 -9.90
CA ASN B 85 -12.54 24.26 -8.75
C ASN B 85 -12.65 25.74 -9.13
N SER B 86 -13.20 26.52 -8.21
CA SER B 86 -13.32 27.97 -8.39
C SER B 86 -13.82 28.56 -7.08
N ASN B 87 -13.90 29.88 -7.03
N ASN B 87 -13.90 29.88 -6.95
CA ASN B 87 -14.50 30.60 -5.89
CA ASN B 87 -14.45 30.41 -5.69
C ASN B 87 -15.89 30.12 -5.48
C ASN B 87 -15.98 30.21 -5.46
N VAL B 88 -16.70 29.72 -6.48
CA VAL B 88 -18.10 29.36 -6.30
C VAL B 88 -18.31 27.85 -6.08
N LEU B 89 -17.25 27.05 -6.18
CA LEU B 89 -17.45 25.58 -6.02
C LEU B 89 -18.04 25.19 -4.65
N PRO B 90 -17.55 25.76 -3.54
CA PRO B 90 -18.21 25.39 -2.26
C PRO B 90 -19.73 25.63 -2.24
N ALA B 91 -20.19 26.73 -2.81
CA ALA B 91 -21.62 27.02 -2.85
C ALA B 91 -22.33 26.04 -3.80
N SER B 92 -21.71 25.69 -4.93
CA SER B 92 -22.30 24.69 -5.83
C SER B 92 -22.46 23.33 -5.13
N CYS B 93 -21.45 22.95 -4.37
CA CYS B 93 -21.51 21.61 -3.71
C CYS B 93 -22.52 21.63 -2.58
N GLU B 94 -22.64 22.74 -1.85
CA GLU B 94 -23.69 22.86 -0.84
C GLU B 94 -25.09 22.76 -1.47
N GLU B 95 -25.24 23.35 -2.66
CA GLU B 95 -26.51 23.36 -3.38
C GLU B 95 -26.85 21.94 -3.87
N ILE B 96 -25.86 21.13 -4.29
CA ILE B 96 -26.14 19.73 -4.71
C ILE B 96 -26.71 18.93 -3.51
N ILE B 97 -26.08 19.07 -2.34
CA ILE B 97 -26.56 18.36 -1.15
C ILE B 97 -27.94 18.91 -0.76
N ASN B 98 -28.11 20.24 -0.81
CA ASN B 98 -29.40 20.83 -0.47
C ASN B 98 -30.53 20.33 -1.38
N SER B 99 -30.21 20.07 -2.65
CA SER B 99 -31.21 19.62 -3.62
CA SER B 99 -31.20 19.62 -3.62
C SER B 99 -31.78 18.27 -3.21
N CYS B 100 -30.96 17.45 -2.57
CA CYS B 100 -31.43 16.15 -2.11
C CYS B 100 -32.38 16.34 -0.94
N PHE B 101 -31.99 17.17 0.02
CA PHE B 101 -32.93 17.50 1.13
C PHE B 101 -34.25 18.16 0.69
N ARG B 102 -34.18 19.07 -0.29
CA ARG B 102 -35.41 19.75 -0.77
C ARG B 102 -36.35 18.77 -1.46
N ALA B 103 -35.80 17.84 -2.25
CA ALA B 103 -36.65 16.88 -3.00
C ALA B 103 -37.17 15.79 -2.07
N PHE B 104 -36.30 15.32 -1.14
CA PHE B 104 -36.58 14.04 -0.47
C PHE B 104 -36.54 14.07 1.04
N GLY B 105 -36.10 15.19 1.60
CA GLY B 105 -36.16 15.42 3.06
C GLY B 105 -35.05 14.74 3.83
N ARG B 106 -34.06 14.21 3.11
CA ARG B 106 -32.97 13.42 3.73
C ARG B 106 -31.90 13.21 2.65
N CYS B 107 -30.70 12.85 3.09
CA CYS B 107 -29.63 12.48 2.17
C CYS B 107 -28.78 11.44 2.85
N ASP B 108 -28.95 10.20 2.43
CA ASP B 108 -28.29 9.05 3.11
C ASP B 108 -26.97 8.62 2.52
N VAL B 109 -26.85 8.82 1.21
CA VAL B 109 -25.70 8.35 0.46
C VAL B 109 -25.22 9.43 -0.50
N LEU B 110 -23.91 9.59 -0.53
CA LEU B 110 -23.27 10.45 -1.56
C LEU B 110 -22.29 9.60 -2.35
N VAL B 111 -22.41 9.60 -3.68
CA VAL B 111 -21.43 8.86 -4.54
C VAL B 111 -20.69 9.92 -5.37
N ASN B 112 -19.40 10.02 -5.12
CA ASN B 112 -18.51 10.95 -5.88
C ASN B 112 -17.95 10.22 -7.09
N ASN B 113 -18.66 10.35 -8.21
CA ASN B 113 -18.34 9.67 -9.44
C ASN B 113 -17.83 10.61 -10.53
N ALA B 114 -18.33 11.86 -10.58
CA ALA B 114 -17.99 12.78 -11.70
C ALA B 114 -16.46 12.95 -11.76
N SER B 115 -15.89 13.04 -12.96
CA SER B 115 -14.44 13.08 -13.07
C SER B 115 -14.02 13.52 -14.44
N ALA B 116 -13.09 14.48 -14.48
CA ALA B 116 -12.43 14.87 -15.72
C ALA B 116 -11.20 13.99 -15.86
N PHE B 117 -10.87 13.68 -17.10
CA PHE B 117 -9.83 12.70 -17.41
C PHE B 117 -9.24 13.01 -18.78
N TYR B 118 -7.98 13.48 -18.80
CA TYR B 118 -7.26 13.75 -20.06
C TYR B 118 -5.80 13.97 -19.68
N PRO B 119 -4.87 13.81 -20.63
CA PRO B 119 -3.43 13.97 -20.34
C PRO B 119 -3.00 15.42 -20.13
N THR B 120 -2.00 15.56 -19.27
CA THR B 120 -1.37 16.87 -19.00
C THR B 120 0.15 16.64 -18.98
N PRO B 121 0.77 16.60 -20.17
CA PRO B 121 2.20 16.29 -20.23
C PRO B 121 3.07 17.29 -19.48
N LEU B 122 4.10 16.80 -18.79
CA LEU B 122 5.00 17.70 -18.03
C LEU B 122 5.89 18.54 -18.94
N VAL B 123 6.20 18.00 -20.13
CA VAL B 123 7.13 18.64 -21.09
C VAL B 123 6.47 18.91 -22.45
N LYS B 134 -6.42 24.91 -23.36
CA LYS B 134 -6.63 25.20 -21.95
C LYS B 134 -5.32 25.56 -21.27
N THR B 135 -5.37 26.56 -20.40
CA THR B 135 -4.21 26.88 -19.58
C THR B 135 -3.96 25.76 -18.58
N VAL B 136 -2.73 25.69 -18.08
CA VAL B 136 -2.43 24.67 -17.07
C VAL B 136 -3.28 24.90 -15.81
N GLU B 137 -3.57 26.15 -15.45
CA GLU B 137 -4.36 26.34 -14.23
C GLU B 137 -5.84 25.93 -14.43
N THR B 138 -6.35 26.05 -15.68
CA THR B 138 -7.66 25.49 -15.98
C THR B 138 -7.63 23.97 -15.83
N GLN B 139 -6.58 23.33 -16.31
CA GLN B 139 -6.41 21.86 -16.20
C GLN B 139 -6.34 21.47 -14.72
N VAL B 140 -5.62 22.22 -13.90
CA VAL B 140 -5.59 21.98 -12.46
C VAL B 140 -6.98 22.09 -11.88
N ALA B 141 -7.69 23.17 -12.21
CA ALA B 141 -9.03 23.40 -11.64
C ALA B 141 -9.95 22.23 -12.03
N GLU B 142 -9.88 21.78 -13.29
CA GLU B 142 -10.80 20.72 -13.76
C GLU B 142 -10.43 19.37 -13.19
N LEU B 143 -9.16 18.99 -13.31
CA LEU B 143 -8.76 17.64 -12.93
C LEU B 143 -8.73 17.49 -11.40
N ILE B 144 -8.13 18.45 -10.70
CA ILE B 144 -8.10 18.40 -9.25
C ILE B 144 -9.46 18.77 -8.66
N GLY B 145 -10.19 19.70 -9.28
CA GLY B 145 -11.51 20.01 -8.71
C GLY B 145 -12.44 18.81 -8.81
N THR B 146 -12.63 18.29 -10.03
CA THR B 146 -13.64 17.19 -10.17
C THR B 146 -13.22 15.97 -9.35
N ASN B 147 -11.94 15.57 -9.41
CA ASN B 147 -11.55 14.32 -8.78
C ASN B 147 -11.33 14.41 -7.29
N ALA B 148 -11.10 15.61 -6.73
CA ALA B 148 -10.65 15.69 -5.34
C ALA B 148 -11.37 16.83 -4.58
N ILE B 149 -11.30 18.09 -5.08
CA ILE B 149 -11.83 19.21 -4.31
CA ILE B 149 -11.84 19.20 -4.29
C ILE B 149 -13.36 19.16 -4.18
N ALA B 150 -14.06 18.90 -5.29
CA ALA B 150 -15.52 18.78 -5.21
C ALA B 150 -15.93 17.61 -4.29
N PRO B 151 -15.33 16.40 -4.43
CA PRO B 151 -15.63 15.35 -3.39
C PRO B 151 -15.43 15.81 -1.93
N PHE B 152 -14.38 16.62 -1.69
CA PHE B 152 -14.14 17.12 -0.36
C PHE B 152 -15.24 18.08 0.10
N LEU B 153 -15.62 19.00 -0.79
CA LEU B 153 -16.64 19.99 -0.45
C LEU B 153 -18.02 19.32 -0.30
N LEU B 154 -18.30 18.38 -1.20
CA LEU B 154 -19.57 17.60 -1.08
C LEU B 154 -19.61 16.79 0.21
N THR B 155 -18.48 16.23 0.59
CA THR B 155 -18.30 15.51 1.89
C THR B 155 -18.57 16.42 3.06
N MET B 156 -17.99 17.62 3.02
CA MET B 156 -18.25 18.63 4.06
CA MET B 156 -18.23 18.60 4.06
C MET B 156 -19.72 18.94 4.16
N SER B 157 -20.37 19.21 3.02
CA SER B 157 -21.77 19.66 3.04
C SER B 157 -22.67 18.50 3.47
N PHE B 158 -22.30 17.28 3.06
CA PHE B 158 -23.09 16.07 3.41
C PHE B 158 -23.05 15.87 4.91
N ALA B 159 -21.86 15.96 5.51
CA ALA B 159 -21.72 15.75 6.94
C ALA B 159 -22.39 16.85 7.74
N GLN B 160 -22.22 18.11 7.29
CA GLN B 160 -22.78 19.25 8.04
C GLN B 160 -24.29 19.19 8.12
N ARG B 161 -24.91 18.67 7.07
CA ARG B 161 -26.36 18.59 6.99
C ARG B 161 -26.95 17.48 7.85
N GLN B 162 -26.12 16.55 8.31
CA GLN B 162 -26.59 15.49 9.24
C GLN B 162 -26.47 15.97 10.70
N ASN B 173 -27.67 4.33 8.52
CA ASN B 173 -26.84 3.83 7.45
C ASN B 173 -26.44 4.91 6.44
N LEU B 174 -25.68 5.88 6.97
CA LEU B 174 -25.16 6.98 6.13
C LEU B 174 -23.81 6.58 5.57
N SER B 175 -23.58 6.82 4.28
CA SER B 175 -22.28 6.57 3.76
C SER B 175 -21.96 7.32 2.49
N ILE B 176 -20.67 7.40 2.20
CA ILE B 176 -20.13 8.10 1.03
C ILE B 176 -19.27 7.06 0.32
N VAL B 177 -19.41 7.02 -1.01
CA VAL B 177 -18.57 6.15 -1.83
C VAL B 177 -17.88 7.01 -2.87
N ASN B 178 -16.56 6.90 -2.94
CA ASN B 178 -15.73 7.64 -3.88
C ASN B 178 -15.23 6.74 -4.99
N LEU B 179 -15.39 7.14 -6.23
CA LEU B 179 -14.89 6.38 -7.37
C LEU B 179 -13.43 6.70 -7.57
N CYS B 180 -12.59 5.73 -7.24
CA CYS B 180 -11.15 5.82 -7.24
C CYS B 180 -10.59 5.25 -8.54
N ASP B 181 -9.37 4.72 -8.53
CA ASP B 181 -8.76 4.17 -9.74
C ASP B 181 -7.79 3.08 -9.30
N ALA B 182 -8.03 1.86 -9.76
CA ALA B 182 -7.16 0.75 -9.31
C ALA B 182 -5.72 0.88 -9.77
N MET B 183 -5.48 1.73 -10.79
CA MET B 183 -4.16 1.87 -11.35
C MET B 183 -3.41 3.08 -10.82
N VAL B 184 -3.84 3.59 -9.66
CA VAL B 184 -3.30 4.83 -9.12
C VAL B 184 -1.79 4.73 -8.85
N ASP B 185 -1.26 3.55 -8.56
CA ASP B 185 0.20 3.44 -8.37
C ASP B 185 1.00 2.92 -9.55
N GLN B 186 0.33 2.73 -10.69
CA GLN B 186 1.02 2.43 -11.97
C GLN B 186 0.36 3.32 -13.01
N PRO B 187 0.60 4.62 -12.91
CA PRO B 187 -0.22 5.58 -13.69
C PRO B 187 0.05 5.61 -15.18
N CYS B 188 -0.92 6.10 -15.94
CA CYS B 188 -0.70 6.27 -17.36
C CYS B 188 0.29 7.39 -17.60
N MET B 189 1.15 7.15 -18.59
CA MET B 189 2.10 8.15 -19.05
C MET B 189 1.39 9.48 -19.37
N ALA B 190 1.91 10.59 -18.81
CA ALA B 190 1.41 11.95 -19.14
C ALA B 190 0.08 12.32 -18.51
N PHE B 191 -0.36 11.58 -17.49
CA PHE B 191 -1.62 11.88 -16.78
C PHE B 191 -1.32 12.34 -15.35
N SER B 192 -0.29 13.21 -15.16
CA SER B 192 0.08 13.53 -13.79
CA SER B 192 0.10 13.62 -13.81
C SER B 192 -1.04 14.22 -13.01
N LEU B 193 -1.74 15.21 -13.59
CA LEU B 193 -2.74 15.91 -12.80
C LEU B 193 -3.92 15.00 -12.44
N TYR B 194 -4.38 14.24 -13.42
CA TYR B 194 -5.44 13.24 -13.14
C TYR B 194 -5.00 12.30 -12.01
N ASN B 195 -3.78 11.79 -12.08
CA ASN B 195 -3.28 10.82 -11.09
C ASN B 195 -3.17 11.50 -9.73
N MET B 196 -2.73 12.76 -9.71
CA MET B 196 -2.65 13.52 -8.46
C MET B 196 -4.06 13.65 -7.86
N GLY B 197 -5.05 13.96 -8.71
CA GLY B 197 -6.41 14.08 -8.22
C GLY B 197 -6.91 12.75 -7.63
N LYS B 198 -6.65 11.63 -8.33
CA LYS B 198 -7.12 10.35 -7.75
C LYS B 198 -6.38 9.96 -6.49
N HIS B 199 -5.08 10.29 -6.39
CA HIS B 199 -4.36 10.03 -5.13
C HIS B 199 -4.98 10.89 -4.02
N ALA B 200 -5.26 12.17 -4.30
CA ALA B 200 -5.90 13.02 -3.29
C ALA B 200 -7.24 12.42 -2.83
N LEU B 201 -7.97 11.82 -3.79
CA LEU B 201 -9.26 11.17 -3.42
C LEU B 201 -9.07 9.99 -2.48
N VAL B 202 -7.98 9.23 -2.59
CA VAL B 202 -7.69 8.18 -1.64
C VAL B 202 -7.47 8.81 -0.27
N GLY B 203 -6.70 9.93 -0.24
CA GLY B 203 -6.45 10.59 1.04
C GLY B 203 -7.74 11.09 1.65
N LEU B 204 -8.63 11.69 0.81
CA LEU B 204 -9.92 12.11 1.34
C LEU B 204 -10.72 10.93 1.94
N THR B 205 -10.71 9.80 1.22
CA THR B 205 -11.52 8.62 1.62
C THR B 205 -11.06 8.20 3.00
N GLN B 206 -9.75 8.16 3.20
CA GLN B 206 -9.20 7.75 4.50
C GLN B 206 -9.40 8.79 5.58
N SER B 207 -9.10 10.06 5.25
CA SER B 207 -9.27 11.14 6.25
C SER B 207 -10.72 11.29 6.69
N ALA B 208 -11.63 11.27 5.72
CA ALA B 208 -13.04 11.44 6.05
C ALA B 208 -13.60 10.22 6.77
N ALA B 209 -13.12 9.03 6.43
CA ALA B 209 -13.58 7.84 7.19
C ALA B 209 -13.22 8.00 8.67
N LEU B 210 -12.02 8.47 8.94
CA LEU B 210 -11.57 8.65 10.33
CA LEU B 210 -11.59 8.67 10.32
C LEU B 210 -12.40 9.74 11.03
N GLU B 211 -12.54 10.89 10.37
CA GLU B 211 -13.17 12.03 11.00
C GLU B 211 -14.69 11.86 11.16
N LEU B 212 -15.32 11.16 10.22
CA LEU B 212 -16.78 11.06 10.24
C LEU B 212 -17.31 9.81 10.92
N ALA B 213 -16.40 8.89 11.28
CA ALA B 213 -16.81 7.67 12.02
C ALA B 213 -17.63 8.01 13.28
N PRO B 214 -17.22 9.03 14.09
CA PRO B 214 -18.04 9.34 15.30
C PRO B 214 -19.47 9.77 15.02
N TYR B 215 -19.75 10.21 13.79
CA TYR B 215 -21.08 10.59 13.35
C TYR B 215 -21.82 9.44 12.69
N GLY B 216 -21.18 8.26 12.65
CA GLY B 216 -21.78 7.08 12.04
C GLY B 216 -21.84 7.16 10.52
N ILE B 217 -20.99 7.98 9.91
CA ILE B 217 -20.94 8.06 8.44
C ILE B 217 -19.73 7.26 7.99
N ARG B 218 -19.98 6.24 7.17
CA ARG B 218 -18.89 5.45 6.60
C ARG B 218 -18.43 6.06 5.28
N VAL B 219 -17.15 5.90 4.96
CA VAL B 219 -16.59 6.51 3.76
C VAL B 219 -15.66 5.48 3.13
N ASN B 220 -15.99 5.08 1.90
CA ASN B 220 -15.28 4.03 1.20
C ASN B 220 -15.07 4.36 -0.25
N GLY B 221 -14.26 3.56 -0.94
CA GLY B 221 -14.05 3.74 -2.36
C GLY B 221 -14.28 2.49 -3.18
N VAL B 222 -14.55 2.67 -4.46
CA VAL B 222 -14.60 1.56 -5.45
C VAL B 222 -13.60 2.00 -6.51
N ALA B 223 -12.69 1.11 -6.87
CA ALA B 223 -11.56 1.45 -7.77
C ALA B 223 -11.63 0.57 -9.01
N PRO B 224 -12.24 1.07 -10.08
CA PRO B 224 -12.23 0.33 -11.35
C PRO B 224 -10.81 0.25 -11.93
N GLY B 225 -10.54 -0.78 -12.72
CA GLY B 225 -9.30 -0.83 -13.52
C GLY B 225 -9.61 -0.35 -14.91
N VAL B 226 -9.95 -1.26 -15.79
CA VAL B 226 -10.51 -0.89 -17.08
C VAL B 226 -12.01 -1.20 -17.00
N SER B 227 -12.83 -0.19 -17.09
CA SER B 227 -14.26 -0.38 -17.26
C SER B 227 -14.66 0.22 -18.62
N LEU B 228 -15.75 0.98 -18.71
CA LEU B 228 -16.26 1.43 -20.02
C LEU B 228 -15.19 2.29 -20.71
N LEU B 229 -14.85 1.91 -21.93
CA LEU B 229 -13.83 2.61 -22.69
C LEU B 229 -14.53 3.77 -23.44
N PRO B 230 -13.75 4.73 -23.95
CA PRO B 230 -14.37 5.84 -24.70
C PRO B 230 -15.06 5.33 -25.99
N VAL B 231 -16.28 5.79 -26.28
CA VAL B 231 -17.05 5.29 -27.46
C VAL B 231 -16.26 5.44 -28.77
N ALA B 232 -15.53 6.55 -28.85
CA ALA B 232 -14.74 6.90 -30.05
C ALA B 232 -13.41 6.13 -30.18
N MET B 233 -12.94 5.50 -29.08
CA MET B 233 -11.71 4.71 -29.12
C MET B 233 -11.87 3.58 -30.13
N GLY B 234 -10.90 3.44 -31.05
CA GLY B 234 -10.97 2.34 -32.02
C GLY B 234 -10.97 0.99 -31.31
N GLU B 235 -11.75 0.06 -31.84
CA GLU B 235 -11.78 -1.31 -31.25
C GLU B 235 -10.39 -1.93 -31.12
N GLU B 236 -9.46 -1.63 -32.06
CA GLU B 236 -8.11 -2.16 -31.97
C GLU B 236 -7.41 -1.63 -30.72
N GLU B 237 -7.68 -0.39 -30.33
CA GLU B 237 -7.11 0.16 -29.09
CA GLU B 237 -7.11 0.14 -29.10
C GLU B 237 -7.86 -0.41 -27.88
N LYS B 238 -9.19 -0.49 -27.96
CA LYS B 238 -9.97 -1.07 -26.85
C LYS B 238 -9.49 -2.48 -26.54
N ASP B 239 -9.20 -3.27 -27.59
CA ASP B 239 -8.72 -4.64 -27.40
C ASP B 239 -7.36 -4.73 -26.74
N LYS B 240 -6.51 -3.72 -26.98
CA LYS B 240 -5.22 -3.65 -26.27
C LYS B 240 -5.45 -3.58 -24.75
N TRP B 241 -6.43 -2.77 -24.34
CA TRP B 241 -6.74 -2.64 -22.90
C TRP B 241 -7.41 -3.92 -22.37
N ARG B 242 -8.34 -4.45 -23.14
CA ARG B 242 -9.08 -5.68 -22.75
C ARG B 242 -8.16 -6.86 -22.52
N ARG B 243 -7.19 -7.03 -23.43
CA ARG B 243 -6.26 -8.17 -23.34
C ARG B 243 -5.35 -8.11 -22.13
N LYS B 244 -5.21 -6.94 -21.50
CA LYS B 244 -4.41 -6.79 -20.28
C LYS B 244 -5.09 -7.46 -19.06
N VAL B 245 -6.39 -7.69 -19.11
CA VAL B 245 -7.18 -8.02 -17.91
C VAL B 245 -7.18 -9.56 -17.71
N PRO B 246 -6.60 -10.04 -16.59
CA PRO B 246 -6.52 -11.49 -16.35
C PRO B 246 -7.92 -12.18 -16.36
N LEU B 247 -8.91 -11.56 -15.71
CA LEU B 247 -10.20 -12.21 -15.52
C LEU B 247 -11.10 -11.93 -16.71
N GLY B 248 -11.00 -12.78 -17.74
CA GLY B 248 -11.92 -12.69 -18.85
C GLY B 248 -11.47 -11.83 -20.02
N ARG B 249 -10.31 -11.16 -19.91
CA ARG B 249 -9.80 -10.32 -21.02
C ARG B 249 -10.87 -9.38 -21.58
N ARG B 250 -11.56 -8.70 -20.65
CA ARG B 250 -12.62 -7.75 -20.98
C ARG B 250 -12.64 -6.70 -19.90
N GLU B 251 -13.21 -5.54 -20.24
CA GLU B 251 -13.46 -4.48 -19.28
C GLU B 251 -14.63 -4.76 -18.37
N ALA B 252 -14.66 -4.14 -17.21
CA ALA B 252 -15.83 -4.23 -16.33
C ALA B 252 -16.97 -3.52 -16.95
N SER B 253 -18.19 -4.07 -16.83
CA SER B 253 -19.37 -3.29 -17.18
C SER B 253 -19.60 -2.20 -16.11
N ALA B 254 -20.36 -1.19 -16.50
CA ALA B 254 -20.76 -0.18 -15.50
C ALA B 254 -21.58 -0.80 -14.37
N GLU B 255 -22.35 -1.85 -14.69
CA GLU B 255 -23.18 -2.53 -13.68
C GLU B 255 -22.32 -3.29 -12.66
N GLN B 256 -21.18 -3.86 -13.09
CA GLN B 256 -20.27 -4.54 -12.16
C GLN B 256 -19.62 -3.54 -11.21
N ILE B 257 -19.32 -2.30 -11.69
CA ILE B 257 -18.80 -1.27 -10.78
C ILE B 257 -19.90 -0.91 -9.79
N ALA B 258 -21.11 -0.68 -10.34
CA ALA B 258 -22.25 -0.35 -9.48
C ALA B 258 -22.54 -1.40 -8.40
N ASP B 259 -22.30 -2.68 -8.69
CA ASP B 259 -22.56 -3.74 -7.71
C ASP B 259 -21.69 -3.53 -6.45
N ALA B 260 -20.46 -3.04 -6.65
CA ALA B 260 -19.59 -2.78 -5.50
C ALA B 260 -20.06 -1.58 -4.66
N VAL B 261 -20.56 -0.55 -5.37
CA VAL B 261 -21.17 0.59 -4.67
C VAL B 261 -22.36 0.14 -3.82
N ILE B 262 -23.22 -0.69 -4.41
CA ILE B 262 -24.44 -1.16 -3.73
C ILE B 262 -24.04 -1.97 -2.48
N PHE B 263 -23.00 -2.80 -2.58
CA PHE B 263 -22.52 -3.49 -1.39
C PHE B 263 -22.07 -2.52 -0.29
N LEU B 264 -21.28 -1.52 -0.70
CA LEU B 264 -20.70 -0.65 0.30
C LEU B 264 -21.74 0.23 1.01
N VAL B 265 -22.84 0.58 0.33
CA VAL B 265 -23.87 1.37 1.02
C VAL B 265 -24.85 0.50 1.80
N SER B 266 -24.75 -0.82 1.65
CA SER B 266 -25.72 -1.73 2.26
C SER B 266 -25.41 -2.04 3.72
N GLY B 267 -26.41 -2.67 4.37
CA GLY B 267 -26.22 -3.17 5.74
C GLY B 267 -25.18 -4.29 5.87
N SER B 268 -24.80 -4.90 4.75
CA SER B 268 -23.79 -5.95 4.73
C SER B 268 -22.38 -5.37 4.84
N ALA B 269 -22.25 -4.02 4.83
CA ALA B 269 -20.96 -3.37 4.91
C ALA B 269 -20.91 -2.43 6.11
N GLN B 270 -21.77 -2.65 7.10
CA GLN B 270 -21.94 -1.74 8.25
C GLN B 270 -20.66 -1.49 9.07
N TYR B 271 -19.67 -2.37 8.99
CA TYR B 271 -18.45 -2.17 9.79
C TYR B 271 -17.31 -1.73 8.85
N ILE B 272 -17.61 -1.52 7.56
CA ILE B 272 -16.54 -1.21 6.60
C ILE B 272 -16.47 0.32 6.43
N THR B 273 -15.30 0.86 6.79
CA THR B 273 -15.03 2.29 6.51
C THR B 273 -13.55 2.47 6.26
N GLY B 274 -13.27 3.38 5.35
CA GLY B 274 -11.92 3.68 4.89
C GLY B 274 -11.38 2.62 3.96
N SER B 275 -12.24 1.76 3.38
CA SER B 275 -11.77 0.67 2.50
C SER B 275 -11.97 1.05 1.06
N ILE B 276 -11.03 0.69 0.20
CA ILE B 276 -11.22 0.89 -1.24
C ILE B 276 -11.22 -0.47 -1.89
N ILE B 277 -12.34 -0.83 -2.55
CA ILE B 277 -12.50 -2.16 -3.16
C ILE B 277 -12.12 -2.05 -4.63
N LYS B 278 -11.06 -2.72 -5.05
CA LYS B 278 -10.72 -2.79 -6.47
C LYS B 278 -11.72 -3.65 -7.18
N VAL B 279 -12.20 -3.18 -8.32
CA VAL B 279 -13.05 -3.99 -9.18
C VAL B 279 -12.37 -3.95 -10.54
N ASP B 280 -11.34 -4.78 -10.68
CA ASP B 280 -10.40 -4.61 -11.80
C ASP B 280 -10.02 -5.88 -12.54
N GLY B 281 -10.64 -7.01 -12.18
CA GLY B 281 -10.32 -8.24 -12.90
C GLY B 281 -8.87 -8.71 -12.75
N GLY B 282 -8.16 -8.21 -11.71
CA GLY B 282 -6.74 -8.54 -11.52
C GLY B 282 -5.80 -7.61 -12.24
N LEU B 283 -6.32 -6.59 -12.95
CA LEU B 283 -5.42 -5.75 -13.79
C LEU B 283 -4.23 -5.14 -13.01
N SER B 284 -4.48 -4.64 -11.79
CA SER B 284 -3.44 -3.98 -11.00
C SER B 284 -2.32 -4.90 -10.54
N LEU B 285 -2.54 -6.21 -10.66
CA LEU B 285 -1.55 -7.21 -10.25
C LEU B 285 -0.59 -7.60 -11.37
N VAL B 286 -0.82 -7.07 -12.57
CA VAL B 286 -0.06 -7.47 -13.76
C VAL B 286 1.17 -6.59 -13.93
N HIS B 287 2.32 -7.21 -13.95
CA HIS B 287 3.57 -6.45 -14.16
C HIS B 287 3.76 -6.04 -15.62
N ALA B 288 4.59 -5.02 -15.83
CA ALA B 288 4.95 -4.52 -17.15
C ALA B 288 5.47 -5.59 -18.10
N GLU C 22 37.56 0.14 17.08
CA GLU C 22 37.69 -1.12 16.28
C GLU C 22 36.75 -1.07 15.07
N ALA C 23 37.04 -1.91 14.09
CA ALA C 23 36.29 -1.96 12.84
C ALA C 23 34.99 -2.74 13.04
N PRO C 24 33.86 -2.25 12.47
CA PRO C 24 32.59 -3.01 12.59
C PRO C 24 32.67 -4.27 11.71
N ALA C 25 31.72 -5.18 11.96
CA ALA C 25 31.70 -6.45 11.25
C ALA C 25 30.31 -6.74 10.72
N ALA C 26 30.27 -7.41 9.57
CA ALA C 26 29.02 -7.70 8.86
C ALA C 26 28.94 -9.15 8.43
N VAL C 27 27.73 -9.71 8.49
CA VAL C 27 27.44 -11.00 7.86
C VAL C 27 26.66 -10.76 6.60
N VAL C 28 27.09 -11.33 5.47
CA VAL C 28 26.28 -11.27 4.23
C VAL C 28 25.96 -12.72 3.80
N THR C 29 24.69 -13.05 3.69
CA THR C 29 24.34 -14.41 3.26
C THR C 29 24.35 -14.48 1.74
N GLY C 30 24.66 -15.64 1.19
CA GLY C 30 24.74 -15.80 -0.27
C GLY C 30 25.75 -14.82 -0.91
N ALA C 31 26.89 -14.64 -0.24
CA ALA C 31 27.84 -13.57 -0.58
C ALA C 31 28.88 -13.96 -1.63
N ALA C 32 28.85 -15.19 -2.17
CA ALA C 32 29.89 -15.63 -3.10
C ALA C 32 29.79 -15.04 -4.47
N LYS C 33 28.56 -14.67 -4.85
CA LYS C 33 28.28 -14.27 -6.23
C LYS C 33 27.33 -13.08 -6.31
N ARG C 34 27.32 -12.43 -7.48
CA ARG C 34 26.25 -11.54 -7.88
C ARG C 34 25.99 -10.44 -6.83
N ILE C 35 24.77 -10.28 -6.35
CA ILE C 35 24.42 -9.14 -5.48
C ILE C 35 25.11 -9.27 -4.14
N GLY C 36 25.09 -10.47 -3.55
CA GLY C 36 25.75 -10.63 -2.25
C GLY C 36 27.23 -10.32 -2.31
N ARG C 37 27.89 -10.74 -3.40
CA ARG C 37 29.29 -10.44 -3.58
C ARG C 37 29.56 -8.94 -3.67
N ALA C 38 28.71 -8.22 -4.41
CA ALA C 38 28.88 -6.78 -4.54
C ALA C 38 28.66 -6.07 -3.21
N ILE C 39 27.69 -6.56 -2.42
CA ILE C 39 27.46 -6.02 -1.11
C ILE C 39 28.64 -6.27 -0.16
N ALA C 40 29.15 -7.49 -0.13
CA ALA C 40 30.33 -7.80 0.69
C ALA C 40 31.51 -6.92 0.31
N VAL C 41 31.74 -6.76 -1.00
CA VAL C 41 32.86 -5.91 -1.48
C VAL C 41 32.72 -4.46 -0.98
N LYS C 42 31.52 -3.86 -1.17
CA LYS C 42 31.29 -2.49 -0.75
C LYS C 42 31.39 -2.33 0.75
N LEU C 43 30.82 -3.29 1.52
CA LEU C 43 30.98 -3.20 2.97
C LEU C 43 32.46 -3.22 3.35
N HIS C 44 33.19 -4.15 2.76
CA HIS C 44 34.64 -4.24 3.03
C HIS C 44 35.34 -2.92 2.64
N GLN C 45 34.95 -2.32 1.50
CA GLN C 45 35.59 -1.06 1.04
C GLN C 45 35.29 0.10 2.00
N THR C 46 34.16 0.01 2.69
CA THR C 46 33.71 1.00 3.63
C THR C 46 34.40 0.80 4.98
N GLY C 47 35.08 -0.33 5.18
CA GLY C 47 35.83 -0.54 6.41
C GLY C 47 35.33 -1.68 7.28
N TYR C 48 34.28 -2.40 6.84
CA TYR C 48 33.79 -3.55 7.60
C TYR C 48 34.71 -4.76 7.43
N ARG C 49 34.77 -5.57 8.48
CA ARG C 49 35.15 -6.97 8.34
C ARG C 49 33.90 -7.76 7.96
N VAL C 50 34.06 -8.82 7.17
CA VAL C 50 32.93 -9.55 6.59
C VAL C 50 33.02 -11.05 6.76
N VAL C 51 31.87 -11.63 7.11
CA VAL C 51 31.62 -13.08 6.98
C VAL C 51 30.89 -13.31 5.67
N ILE C 52 31.50 -14.09 4.81
CA ILE C 52 30.97 -14.43 3.48
C ILE C 52 30.30 -15.79 3.62
N HIS C 53 28.97 -15.81 3.72
CA HIS C 53 28.23 -17.05 3.78
C HIS C 53 28.04 -17.66 2.38
N TYR C 54 28.10 -19.00 2.31
CA TYR C 54 27.84 -19.75 1.09
C TYR C 54 27.19 -21.10 1.48
N HIS C 55 26.54 -21.68 0.48
CA HIS C 55 25.98 -23.02 0.62
C HIS C 55 26.82 -23.96 -0.24
N ASN C 56 26.73 -23.80 -1.56
CA ASN C 56 27.48 -24.66 -2.51
C ASN C 56 28.71 -24.00 -3.12
N SER C 57 28.83 -22.68 -3.01
CA SER C 57 29.85 -21.97 -3.78
C SER C 57 31.13 -21.73 -2.99
N ALA C 58 31.71 -22.81 -2.44
CA ALA C 58 32.91 -22.67 -1.61
C ALA C 58 34.09 -22.03 -2.35
N GLU C 59 34.32 -22.43 -3.60
CA GLU C 59 35.50 -21.92 -4.33
C GLU C 59 35.36 -20.40 -4.49
N ALA C 60 34.17 -19.95 -4.91
CA ALA C 60 33.92 -18.53 -5.13
C ALA C 60 33.94 -17.75 -3.80
N ALA C 61 33.38 -18.33 -2.74
CA ALA C 61 33.45 -17.69 -1.45
C ALA C 61 34.91 -17.46 -0.97
N VAL C 62 35.75 -18.49 -1.10
CA VAL C 62 37.14 -18.40 -0.68
C VAL C 62 37.91 -17.45 -1.62
N SER C 63 37.60 -17.45 -2.92
CA SER C 63 38.25 -16.51 -3.88
C SER C 63 37.99 -15.06 -3.45
N LEU C 64 36.75 -14.78 -3.04
CA LEU C 64 36.37 -13.44 -2.60
C LEU C 64 37.11 -13.13 -1.30
N ALA C 65 37.11 -14.07 -0.35
CA ALA C 65 37.81 -13.82 0.94
C ALA C 65 39.29 -13.51 0.69
N ASP C 66 39.87 -14.25 -0.24
CA ASP C 66 41.28 -14.09 -0.59
C ASP C 66 41.53 -12.68 -1.08
N GLU C 67 40.67 -12.20 -1.97
CA GLU C 67 40.78 -10.86 -2.55
C GLU C 67 40.68 -9.77 -1.47
N LEU C 68 39.72 -9.92 -0.57
CA LEU C 68 39.54 -8.95 0.53
C LEU C 68 40.67 -8.98 1.58
N ASN C 69 41.13 -10.17 1.92
CA ASN C 69 42.26 -10.30 2.87
C ASN C 69 43.59 -9.78 2.31
N LYS C 70 43.73 -9.83 0.99
CA LYS C 70 44.91 -9.29 0.33
C LYS C 70 44.89 -7.77 0.48
N GLU C 71 43.69 -7.16 0.50
CA GLU C 71 43.57 -5.70 0.76
C GLU C 71 43.90 -5.38 2.23
N ARG C 72 43.26 -6.09 3.16
CA ARG C 72 43.48 -5.89 4.61
C ARG C 72 43.50 -7.28 5.27
N SER C 73 44.65 -7.70 5.82
CA SER C 73 44.78 -9.03 6.44
CA SER C 73 44.77 -9.01 6.44
C SER C 73 43.70 -9.31 7.49
N ASN C 74 43.18 -10.54 7.46
CA ASN C 74 42.26 -11.06 8.47
C ASN C 74 40.99 -10.21 8.64
N THR C 75 40.42 -9.76 7.52
CA THR C 75 39.18 -9.00 7.55
C THR C 75 38.01 -9.68 6.85
N ALA C 76 38.22 -10.88 6.35
CA ALA C 76 37.20 -11.67 5.66
C ALA C 76 37.36 -13.13 6.04
N VAL C 77 36.24 -13.74 6.41
CA VAL C 77 36.17 -15.19 6.65
C VAL C 77 34.96 -15.73 5.89
N VAL C 78 34.94 -17.06 5.69
CA VAL C 78 33.78 -17.69 5.06
C VAL C 78 33.02 -18.55 6.08
N CYS C 79 31.75 -18.79 5.80
CA CYS C 79 30.92 -19.67 6.65
C CYS C 79 29.95 -20.44 5.79
N GLN C 80 30.04 -21.76 5.86
CA GLN C 80 29.14 -22.64 5.10
C GLN C 80 27.82 -22.88 5.87
N ALA C 81 26.70 -22.76 5.16
CA ALA C 81 25.42 -23.25 5.73
C ALA C 81 24.40 -23.45 4.63
N ASP C 82 23.65 -24.56 4.71
CA ASP C 82 22.43 -24.70 3.91
C ASP C 82 21.30 -23.93 4.62
N LEU C 83 20.61 -23.03 3.89
CA LEU C 83 19.57 -22.20 4.45
C LEU C 83 18.15 -22.71 4.16
N THR C 84 18.06 -23.92 3.60
CA THR C 84 16.77 -24.64 3.44
C THR C 84 16.16 -24.85 4.83
N ASN C 85 14.84 -24.69 4.99
CA ASN C 85 14.25 -24.97 6.30
C ASN C 85 14.35 -26.48 6.64
N SER C 86 14.69 -26.77 7.90
CA SER C 86 14.73 -28.15 8.42
C SER C 86 14.81 -28.05 9.93
N ASN C 87 14.82 -29.21 10.58
CA ASN C 87 15.09 -29.29 12.01
C ASN C 87 16.41 -28.66 12.45
N VAL C 88 17.41 -28.60 11.55
CA VAL C 88 18.72 -28.04 11.93
C VAL C 88 18.95 -26.58 11.51
N LEU C 89 18.01 -25.98 10.81
CA LEU C 89 18.21 -24.59 10.35
C LEU C 89 18.45 -23.61 11.52
N PRO C 90 17.69 -23.67 12.64
CA PRO C 90 18.03 -22.74 13.72
C PRO C 90 19.50 -22.83 14.19
N ALA C 91 20.06 -24.02 14.34
CA ALA C 91 21.46 -24.17 14.74
C ALA C 91 22.39 -23.67 13.64
N SER C 92 22.03 -23.86 12.36
CA SER C 92 22.89 -23.37 11.27
C SER C 92 22.96 -21.81 11.31
N CYS C 93 21.83 -21.18 11.57
CA CYS C 93 21.73 -19.72 11.56
C CYS C 93 22.43 -19.17 12.79
N GLU C 94 22.30 -19.85 13.93
CA GLU C 94 23.08 -19.49 15.14
C GLU C 94 24.58 -19.53 14.84
N GLU C 95 25.01 -20.55 14.10
CA GLU C 95 26.42 -20.71 13.74
C GLU C 95 26.92 -19.58 12.84
N ILE C 96 26.10 -19.14 11.90
CA ILE C 96 26.54 -18.04 11.00
C ILE C 96 26.82 -16.80 11.87
N ILE C 97 25.89 -16.45 12.76
CA ILE C 97 26.11 -15.27 13.60
C ILE C 97 27.30 -15.50 14.53
N ASN C 98 27.38 -16.69 15.13
CA ASN C 98 28.50 -17.00 16.02
C ASN C 98 29.85 -16.86 15.32
N SER C 99 29.92 -17.23 14.02
CA SER C 99 31.15 -17.14 13.23
CA SER C 99 31.17 -17.15 13.25
C SER C 99 31.66 -15.70 13.13
N CYS C 100 30.71 -14.77 13.08
CA CYS C 100 31.09 -13.36 13.08
C CYS C 100 31.73 -12.96 14.42
N PHE C 101 31.06 -13.26 15.51
CA PHE C 101 31.60 -12.98 16.83
C PHE C 101 32.95 -13.67 17.07
N ARG C 102 33.11 -14.92 16.63
CA ARG C 102 34.39 -15.62 16.80
C ARG C 102 35.54 -14.98 16.02
N ALA C 103 35.27 -14.62 14.77
CA ALA C 103 36.31 -14.02 13.92
C ALA C 103 36.67 -12.60 14.39
N PHE C 104 35.64 -11.82 14.75
CA PHE C 104 35.80 -10.38 14.80
C PHE C 104 35.38 -9.74 16.12
N GLY C 105 34.77 -10.52 17.01
CA GLY C 105 34.41 -10.08 18.36
C GLY C 105 33.17 -9.23 18.45
N ARG C 106 32.43 -9.13 17.35
CA ARG C 106 31.26 -8.27 17.26
C ARG C 106 30.51 -8.62 15.98
N CYS C 107 29.24 -8.19 15.91
CA CYS C 107 28.46 -8.35 14.68
C CYS C 107 27.54 -7.17 14.62
N ASP C 108 27.86 -6.24 13.73
CA ASP C 108 27.14 -4.95 13.66
C ASP C 108 26.03 -4.95 12.61
N VAL C 109 26.22 -5.72 11.54
CA VAL C 109 25.33 -5.69 10.36
C VAL C 109 25.06 -7.13 9.90
N LEU C 110 23.78 -7.38 9.62
CA LEU C 110 23.34 -8.63 9.00
C LEU C 110 22.65 -8.25 7.72
N VAL C 111 23.14 -8.80 6.59
CA VAL C 111 22.46 -8.61 5.29
C VAL C 111 21.88 -9.97 4.87
N ASN C 112 20.56 -10.06 4.88
CA ASN C 112 19.88 -11.30 4.43
C ASN C 112 19.68 -11.21 2.92
N ASN C 113 20.70 -11.67 2.19
CA ASN C 113 20.72 -11.64 0.74
C ASN C 113 20.41 -12.99 0.08
N ALA C 114 20.75 -14.10 0.71
CA ALA C 114 20.60 -15.41 0.08
C ALA C 114 19.15 -15.63 -0.34
N SER C 115 18.96 -16.22 -1.51
CA SER C 115 17.60 -16.43 -2.01
CA SER C 115 17.59 -16.47 -1.97
C SER C 115 17.49 -17.56 -3.02
N ALA C 116 16.41 -18.32 -2.93
CA ALA C 116 16.08 -19.27 -3.96
C ALA C 116 14.99 -18.68 -4.83
N PHE C 117 14.98 -19.08 -6.10
CA PHE C 117 14.06 -18.47 -7.07
C PHE C 117 13.76 -19.43 -8.20
N TYR C 118 12.51 -19.88 -8.28
CA TYR C 118 12.07 -20.72 -9.37
C TYR C 118 10.55 -20.81 -9.30
N PRO C 119 9.89 -21.16 -10.42
CA PRO C 119 8.42 -21.22 -10.43
C PRO C 119 7.85 -22.45 -9.71
N THR C 120 6.64 -22.30 -9.19
CA THR C 120 5.91 -23.36 -8.51
C THR C 120 4.46 -23.21 -8.98
N PRO C 121 4.13 -23.76 -10.17
CA PRO C 121 2.78 -23.53 -10.71
C PRO C 121 1.72 -24.15 -9.78
N LEU C 122 0.58 -23.48 -9.68
CA LEU C 122 -0.55 -23.99 -8.89
C LEU C 122 -1.27 -25.13 -9.59
N VAL C 123 -1.25 -25.14 -10.93
CA VAL C 123 -1.93 -26.18 -11.75
C VAL C 123 -0.86 -26.87 -12.58
N GLN C 124 -0.92 -28.21 -12.63
CA GLN C 124 0.06 -29.02 -13.36
C GLN C 124 -0.59 -29.94 -14.37
N LYS C 134 11.47 -32.16 -7.59
CA LYS C 134 11.30 -31.73 -6.20
C LYS C 134 9.87 -31.82 -5.77
N THR C 135 9.62 -32.39 -4.58
CA THR C 135 8.27 -32.40 -4.03
C THR C 135 7.89 -30.96 -3.64
N VAL C 136 6.58 -30.73 -3.52
CA VAL C 136 6.10 -29.40 -3.19
C VAL C 136 6.61 -29.00 -1.81
N GLU C 137 6.71 -29.93 -0.87
CA GLU C 137 7.22 -29.57 0.43
C GLU C 137 8.73 -29.26 0.44
N THR C 138 9.50 -29.91 -0.45
CA THR C 138 10.89 -29.46 -0.66
C THR C 138 10.93 -28.02 -1.19
N GLN C 139 10.03 -27.70 -2.11
CA GLN C 139 9.93 -26.32 -2.63
C GLN C 139 9.57 -25.35 -1.52
N VAL C 140 8.65 -25.72 -0.64
CA VAL C 140 8.33 -24.88 0.52
C VAL C 140 9.59 -24.68 1.39
N ALA C 141 10.32 -25.75 1.67
CA ALA C 141 11.46 -25.63 2.55
C ALA C 141 12.55 -24.74 1.94
N GLU C 142 12.67 -24.78 0.61
CA GLU C 142 13.67 -23.97 -0.06
C GLU C 142 13.22 -22.53 -0.26
N LEU C 143 12.04 -22.32 -0.86
CA LEU C 143 11.58 -20.99 -1.18
C LEU C 143 11.16 -20.24 0.06
N ILE C 144 10.37 -20.82 0.94
CA ILE C 144 9.98 -20.14 2.17
C ILE C 144 11.12 -20.19 3.17
N GLY C 145 11.84 -21.30 3.25
CA GLY C 145 12.94 -21.41 4.21
C GLY C 145 14.07 -20.43 3.92
N THR C 146 14.63 -20.47 2.72
CA THR C 146 15.75 -19.55 2.40
CA THR C 146 15.73 -19.58 2.40
C THR C 146 15.28 -18.11 2.44
N ASN C 147 14.11 -17.84 1.87
CA ASN C 147 13.74 -16.45 1.65
C ASN C 147 13.13 -15.75 2.86
N ALA C 148 12.62 -16.52 3.84
CA ALA C 148 11.91 -15.92 4.94
C ALA C 148 12.27 -16.51 6.29
N ILE C 149 12.29 -17.85 6.39
CA ILE C 149 12.56 -18.44 7.71
C ILE C 149 14.03 -18.26 8.14
N ALA C 150 14.98 -18.50 7.23
CA ALA C 150 16.37 -18.26 7.61
C ALA C 150 16.60 -16.77 8.01
N PRO C 151 16.06 -15.79 7.22
CA PRO C 151 16.17 -14.39 7.71
C PRO C 151 15.60 -14.17 9.09
N PHE C 152 14.50 -14.84 9.40
CA PHE C 152 13.89 -14.75 10.74
C PHE C 152 14.82 -15.33 11.80
N LEU C 153 15.35 -16.52 11.54
CA LEU C 153 16.23 -17.18 12.51
C LEU C 153 17.51 -16.39 12.68
N LEU C 154 18.05 -15.89 11.56
CA LEU C 154 19.22 -15.04 11.64
C LEU C 154 19.01 -13.75 12.42
N THR C 155 17.83 -13.17 12.26
CA THR C 155 17.43 -11.98 12.99
C THR C 155 17.40 -12.26 14.49
N MET C 156 16.78 -13.38 14.86
CA MET C 156 16.73 -13.79 16.28
CA MET C 156 16.73 -13.81 16.25
C MET C 156 18.14 -13.96 16.84
N SER C 157 19.01 -14.68 16.10
CA SER C 157 20.35 -14.96 16.62
C SER C 157 21.19 -13.67 16.70
N PHE C 158 21.00 -12.77 15.70
CA PHE C 158 21.76 -11.51 15.66
C PHE C 158 21.33 -10.69 16.90
N ALA C 159 20.02 -10.58 17.15
CA ALA C 159 19.52 -9.75 18.24
C ALA C 159 19.89 -10.33 19.62
N GLN C 160 19.79 -11.65 19.76
CA GLN C 160 20.07 -12.32 21.03
C GLN C 160 21.53 -12.15 21.46
N ARG C 161 22.43 -12.11 20.49
CA ARG C 161 23.86 -12.01 20.77
C ARG C 161 24.27 -10.58 21.12
N GLN C 162 23.40 -9.61 20.86
CA GLN C 162 23.69 -8.22 21.28
C GLN C 162 23.27 -8.03 22.73
N ASN C 173 25.98 1.30 16.04
CA ASN C 173 25.09 1.48 14.85
C ASN C 173 24.74 0.09 14.26
N LEU C 174 23.83 -0.60 14.94
CA LEU C 174 23.50 -1.98 14.55
C LEU C 174 22.33 -1.98 13.57
N SER C 175 22.42 -2.78 12.53
CA SER C 175 21.28 -2.86 11.60
C SER C 175 21.25 -4.14 10.80
N ILE C 176 20.05 -4.45 10.32
CA ILE C 176 19.82 -5.56 9.45
C ILE C 176 19.20 -5.01 8.15
N VAL C 177 19.66 -5.52 7.01
CA VAL C 177 19.09 -5.18 5.72
C VAL C 177 18.64 -6.46 5.03
N ASN C 178 17.35 -6.50 4.66
CA ASN C 178 16.76 -7.64 3.98
C ASN C 178 16.62 -7.37 2.51
N LEU C 179 17.02 -8.30 1.65
CA LEU C 179 16.89 -8.13 0.20
C LEU C 179 15.49 -8.58 -0.22
N CYS C 180 14.68 -7.57 -0.57
CA CYS C 180 13.24 -7.73 -0.81
C CYS C 180 13.03 -7.84 -2.31
N ASP C 181 11.84 -7.59 -2.80
CA ASP C 181 11.49 -7.69 -4.22
CA ASP C 181 11.55 -7.64 -4.23
C ASP C 181 10.65 -6.47 -4.58
N ALA C 182 11.10 -5.64 -5.54
CA ALA C 182 10.34 -4.45 -5.93
C ALA C 182 8.97 -4.79 -6.56
N MET C 183 8.87 -6.02 -7.08
CA MET C 183 7.71 -6.48 -7.82
C MET C 183 6.79 -7.31 -6.92
N VAL C 184 6.93 -7.18 -5.60
CA VAL C 184 6.19 -8.07 -4.66
C VAL C 184 4.66 -8.02 -4.85
N ASP C 185 4.13 -6.89 -5.31
CA ASP C 185 2.65 -6.77 -5.52
C ASP C 185 2.22 -6.85 -6.98
N GLN C 186 3.17 -7.16 -7.89
CA GLN C 186 2.84 -7.50 -9.29
C GLN C 186 3.68 -8.73 -9.61
N PRO C 187 3.28 -9.86 -9.02
CA PRO C 187 4.11 -11.05 -9.05
C PRO C 187 4.25 -11.67 -10.44
N CYS C 188 5.35 -12.37 -10.64
CA CYS C 188 5.56 -13.13 -11.85
C CYS C 188 4.58 -14.31 -11.85
N MET C 189 4.02 -14.60 -13.03
CA MET C 189 3.13 -15.73 -13.24
C MET C 189 3.79 -17.03 -12.81
N ALA C 190 3.06 -17.80 -11.98
CA ALA C 190 3.48 -19.14 -11.53
C ALA C 190 4.61 -19.18 -10.48
N PHE C 191 4.85 -18.03 -9.84
CA PHE C 191 5.85 -17.90 -8.78
C PHE C 191 5.19 -17.69 -7.40
N SER C 192 4.12 -18.46 -7.12
CA SER C 192 3.37 -18.27 -5.87
CA SER C 192 3.38 -18.19 -5.89
C SER C 192 4.23 -18.43 -4.63
N LEU C 193 4.97 -19.54 -4.55
CA LEU C 193 5.76 -19.76 -3.31
C LEU C 193 6.87 -18.73 -3.15
N TYR C 194 7.57 -18.44 -4.26
CA TYR C 194 8.59 -17.38 -4.22
C TYR C 194 7.95 -16.07 -3.72
N ASN C 195 6.84 -15.69 -4.30
CA ASN C 195 6.19 -14.40 -3.93
C ASN C 195 5.73 -14.43 -2.49
N MET C 196 5.21 -15.58 -2.01
CA MET C 196 4.81 -15.67 -0.60
C MET C 196 5.99 -15.45 0.32
N GLY C 197 7.13 -16.07 0.00
CA GLY C 197 8.34 -15.88 0.84
C GLY C 197 8.79 -14.41 0.84
N LYS C 198 8.73 -13.76 -0.32
CA LYS C 198 9.13 -12.32 -0.35
C LYS C 198 8.16 -11.41 0.38
N HIS C 199 6.88 -11.75 0.36
CA HIS C 199 5.89 -11.07 1.18
C HIS C 199 6.16 -11.29 2.65
N ALA C 200 6.45 -12.55 3.03
CA ALA C 200 6.78 -12.83 4.42
C ALA C 200 8.00 -12.00 4.85
N LEU C 201 9.00 -11.84 3.94
CA LEU C 201 10.18 -11.05 4.29
C LEU C 201 9.83 -9.56 4.53
N VAL C 202 8.84 -9.01 3.83
CA VAL C 202 8.34 -7.65 4.17
C VAL C 202 7.79 -7.61 5.58
N GLY C 203 7.03 -8.66 5.93
CA GLY C 203 6.43 -8.73 7.26
C GLY C 203 7.50 -8.82 8.32
N LEU C 204 8.55 -9.63 8.08
CA LEU C 204 9.64 -9.73 9.05
C LEU C 204 10.36 -8.36 9.18
N THR C 205 10.58 -7.68 8.05
CA THR C 205 11.32 -6.41 8.09
C THR C 205 10.56 -5.44 9.01
N GLN C 206 9.24 -5.35 8.81
CA GLN C 206 8.40 -4.46 9.62
C GLN C 206 8.27 -4.91 11.05
N SER C 207 8.02 -6.22 11.28
CA SER C 207 7.85 -6.71 12.69
C SER C 207 9.15 -6.57 13.47
N ALA C 208 10.28 -6.90 12.82
CA ALA C 208 11.56 -6.86 13.51
C ALA C 208 11.96 -5.39 13.72
N ALA C 209 11.63 -4.52 12.77
CA ALA C 209 11.95 -3.09 13.02
C ALA C 209 11.26 -2.57 14.26
N LEU C 210 9.98 -2.93 14.44
CA LEU C 210 9.24 -2.49 15.61
CA LEU C 210 9.25 -2.50 15.62
C LEU C 210 9.82 -3.12 16.90
N GLU C 211 10.04 -4.43 16.86
CA GLU C 211 10.41 -5.16 18.09
C GLU C 211 11.86 -4.89 18.50
N LEU C 212 12.74 -4.61 17.53
CA LEU C 212 14.15 -4.44 17.88
C LEU C 212 14.58 -2.97 18.02
N ALA C 213 13.66 -2.06 17.72
CA ALA C 213 13.94 -0.63 17.94
C ALA C 213 14.41 -0.28 19.38
N PRO C 214 13.81 -0.91 20.44
CA PRO C 214 14.29 -0.60 21.79
C PRO C 214 15.74 -1.04 22.04
N TYR C 215 16.26 -1.96 21.21
CA TYR C 215 17.65 -2.45 21.30
C TYR C 215 18.58 -1.61 20.43
N GLY C 216 18.03 -0.58 19.78
CA GLY C 216 18.81 0.22 18.83
C GLY C 216 19.24 -0.54 17.59
N ILE C 217 18.48 -1.58 17.21
CA ILE C 217 18.78 -2.30 15.98
C ILE C 217 17.78 -1.84 14.92
N ARG C 218 18.28 -1.24 13.84
CA ARG C 218 17.39 -0.84 12.74
C ARG C 218 17.22 -2.00 11.77
N VAL C 219 16.07 -2.09 11.11
CA VAL C 219 15.81 -3.20 10.18
C VAL C 219 15.12 -2.61 8.97
N ASN C 220 15.79 -2.74 7.83
CA ASN C 220 15.32 -2.13 6.58
C ASN C 220 15.44 -3.10 5.43
N GLY C 221 14.88 -2.73 4.28
CA GLY C 221 14.96 -3.53 3.08
C GLY C 221 15.50 -2.77 1.87
N VAL C 222 16.17 -3.48 0.94
CA VAL C 222 16.46 -2.97 -0.40
C VAL C 222 15.75 -3.93 -1.36
N ALA C 223 15.02 -3.38 -2.31
CA ALA C 223 14.19 -4.17 -3.20
C ALA C 223 14.64 -3.99 -4.63
N PRO C 224 15.45 -4.92 -5.16
CA PRO C 224 15.83 -4.82 -6.59
C PRO C 224 14.65 -5.17 -7.51
N GLY C 225 14.79 -4.78 -8.77
CA GLY C 225 13.85 -5.12 -9.84
C GLY C 225 14.11 -6.44 -10.58
N TRP C 241 12.99 -6.89 -21.04
CA TRP C 241 12.87 -6.27 -19.70
C TRP C 241 13.51 -4.88 -19.67
N ARG C 242 14.75 -4.79 -20.15
CA ARG C 242 15.45 -3.52 -20.10
C ARG C 242 14.69 -2.38 -20.80
N ARG C 243 14.08 -2.69 -21.95
CA ARG C 243 13.28 -1.72 -22.74
C ARG C 243 12.07 -1.21 -21.96
N LYS C 244 11.61 -1.99 -21.00
CA LYS C 244 10.52 -1.61 -20.07
C LYS C 244 10.92 -0.71 -18.89
N VAL C 245 12.21 -0.76 -18.51
CA VAL C 245 12.68 -0.04 -17.32
C VAL C 245 12.72 1.46 -17.67
N PRO C 246 11.99 2.30 -16.93
CA PRO C 246 12.03 3.76 -17.25
C PRO C 246 13.46 4.31 -17.31
N LEU C 247 14.30 3.95 -16.32
CA LEU C 247 15.72 4.35 -16.30
C LEU C 247 16.62 3.39 -17.09
N GLY C 248 16.05 2.65 -18.04
CA GLY C 248 16.78 1.64 -18.85
C GLY C 248 17.96 2.12 -19.67
N ARG C 249 18.12 3.42 -19.85
CA ARG C 249 19.39 3.94 -20.48
C ARG C 249 20.62 3.55 -19.66
N ARG C 250 20.45 3.47 -18.33
CA ARG C 250 21.47 2.93 -17.41
C ARG C 250 21.29 1.42 -17.22
N GLU C 251 22.35 0.64 -17.37
CA GLU C 251 22.22 -0.79 -17.06
C GLU C 251 22.13 -1.04 -15.54
N ALA C 252 21.28 -2.01 -15.16
CA ALA C 252 21.13 -2.41 -13.78
C ALA C 252 22.43 -3.10 -13.38
N SER C 253 22.86 -2.82 -12.15
CA SER C 253 24.08 -3.45 -11.63
CA SER C 253 24.07 -3.46 -11.63
C SER C 253 23.92 -3.90 -10.18
N ALA C 254 24.66 -4.94 -9.81
CA ALA C 254 24.68 -5.33 -8.40
C ALA C 254 25.24 -4.20 -7.52
N GLU C 255 26.12 -3.39 -8.07
CA GLU C 255 26.72 -2.30 -7.28
C GLU C 255 25.67 -1.25 -6.87
N GLN C 256 24.67 -1.00 -7.73
CA GLN C 256 23.59 -0.10 -7.38
C GLN C 256 22.82 -0.61 -6.16
N ILE C 257 22.58 -1.93 -6.10
CA ILE C 257 21.91 -2.51 -4.93
C ILE C 257 22.82 -2.32 -3.72
N ALA C 258 24.11 -2.65 -3.86
CA ALA C 258 25.05 -2.50 -2.74
C ALA C 258 25.09 -1.04 -2.21
N ASP C 259 25.00 -0.07 -3.13
CA ASP C 259 25.00 1.38 -2.76
C ASP C 259 23.84 1.67 -1.80
N ALA C 260 22.66 1.08 -2.05
CA ALA C 260 21.52 1.32 -1.15
C ALA C 260 21.74 0.66 0.21
N VAL C 261 22.34 -0.53 0.19
CA VAL C 261 22.70 -1.22 1.45
C VAL C 261 23.68 -0.37 2.25
N ILE C 262 24.73 0.15 1.58
CA ILE C 262 25.74 0.99 2.26
C ILE C 262 25.07 2.22 2.91
N PHE C 263 24.14 2.86 2.22
CA PHE C 263 23.41 3.98 2.78
C PHE C 263 22.63 3.54 4.03
N LEU C 264 21.92 2.40 3.94
CA LEU C 264 21.07 2.01 5.06
C LEU C 264 21.85 1.65 6.32
N VAL C 265 23.05 1.09 6.15
CA VAL C 265 23.84 0.71 7.32
C VAL C 265 24.65 1.88 7.89
N SER C 266 24.68 2.98 7.13
CA SER C 266 25.50 4.13 7.50
C SER C 266 24.88 5.01 8.56
N GLY C 267 25.70 5.93 9.11
CA GLY C 267 25.22 6.98 10.02
C GLY C 267 24.22 7.94 9.38
N SER C 268 24.22 8.00 8.05
CA SER C 268 23.26 8.81 7.28
C SER C 268 21.82 8.26 7.27
N ALA C 269 21.63 7.07 7.87
CA ALA C 269 20.33 6.44 7.95
C ALA C 269 19.96 6.09 9.38
N GLN C 270 20.61 6.78 10.34
CA GLN C 270 20.41 6.41 11.76
C GLN C 270 18.96 6.54 12.31
N TYR C 271 18.10 7.29 11.61
CA TYR C 271 16.69 7.41 12.02
C TYR C 271 15.77 6.54 11.14
N ILE C 272 16.33 5.77 10.22
CA ILE C 272 15.51 5.00 9.27
C ILE C 272 15.42 3.56 9.77
N THR C 273 14.17 3.13 10.03
CA THR C 273 13.90 1.73 10.34
C THR C 273 12.54 1.35 9.81
N GLY C 274 12.43 0.11 9.36
CA GLY C 274 11.21 -0.39 8.76
C GLY C 274 10.93 0.12 7.34
N SER C 275 11.97 0.68 6.68
CA SER C 275 11.83 1.23 5.35
C SER C 275 12.39 0.30 4.34
N ILE C 276 11.67 0.19 3.21
CA ILE C 276 12.16 -0.64 2.09
C ILE C 276 12.43 0.29 0.89
N ILE C 277 13.69 0.31 0.42
CA ILE C 277 14.07 1.22 -0.66
C ILE C 277 14.04 0.43 -1.96
N LYS C 278 13.16 0.78 -2.87
CA LYS C 278 13.17 0.18 -4.20
C LYS C 278 14.33 0.71 -5.04
N VAL C 279 15.07 -0.22 -5.63
CA VAL C 279 16.16 0.12 -6.54
C VAL C 279 15.91 -0.61 -7.83
N ASP C 280 15.00 -0.06 -8.63
CA ASP C 280 14.44 -0.82 -9.77
C ASP C 280 14.32 0.00 -11.06
N GLY C 281 14.96 1.17 -11.11
CA GLY C 281 14.89 2.00 -12.33
C GLY C 281 13.50 2.49 -12.65
N GLY C 282 12.56 2.37 -11.69
CA GLY C 282 11.17 2.78 -11.92
C GLY C 282 10.27 1.65 -12.44
N LEU C 283 10.79 0.42 -12.55
CA LEU C 283 10.01 -0.66 -13.20
C LEU C 283 8.65 -0.95 -12.52
N SER C 284 8.59 -0.85 -11.20
CA SER C 284 7.34 -1.15 -10.46
C SER C 284 6.24 -0.16 -10.76
N LEU C 285 6.60 0.98 -11.34
CA LEU C 285 5.61 1.98 -11.67
C LEU C 285 4.93 1.79 -13.01
N VAL C 286 5.44 0.83 -13.79
CA VAL C 286 5.01 0.65 -15.16
C VAL C 286 3.82 -0.30 -15.25
N HIS C 287 2.70 0.21 -15.75
CA HIS C 287 1.50 -0.65 -15.91
C HIS C 287 1.65 -1.66 -17.05
N ALA C 288 0.83 -2.73 -16.96
CA ALA C 288 0.74 -3.77 -17.97
C ALA C 288 0.47 -3.24 -19.35
N GLU D 22 31.68 23.05 -13.90
CA GLU D 22 31.27 23.90 -12.74
C GLU D 22 30.54 23.09 -11.63
N ALA D 23 30.22 23.77 -10.53
CA ALA D 23 29.43 23.19 -9.45
C ALA D 23 27.97 23.08 -9.87
N PRO D 24 27.31 21.97 -9.51
CA PRO D 24 25.88 21.84 -9.77
C PRO D 24 25.08 22.84 -8.91
N ALA D 25 23.82 23.01 -9.25
CA ALA D 25 22.94 23.97 -8.57
C ALA D 25 21.63 23.31 -8.18
N ALA D 26 21.10 23.74 -7.03
CA ALA D 26 19.84 23.19 -6.46
C ALA D 26 18.88 24.29 -6.06
N VAL D 27 17.58 24.08 -6.28
CA VAL D 27 16.52 24.92 -5.73
C VAL D 27 15.97 24.16 -4.54
N VAL D 28 15.86 24.81 -3.39
CA VAL D 28 15.15 24.21 -2.25
C VAL D 28 14.02 25.15 -1.87
N THR D 29 12.76 24.68 -1.93
CA THR D 29 11.66 25.55 -1.55
C THR D 29 11.47 25.57 -0.04
N GLY D 30 11.00 26.69 0.48
CA GLY D 30 10.80 26.84 1.93
C GLY D 30 12.08 26.56 2.71
N ALA D 31 13.18 27.16 2.24
CA ALA D 31 14.51 26.84 2.75
C ALA D 31 15.05 27.76 3.84
N ALA D 32 14.26 28.72 4.31
CA ALA D 32 14.83 29.65 5.28
C ALA D 32 15.05 29.06 6.67
N LYS D 33 14.26 28.02 7.02
CA LYS D 33 14.21 27.53 8.38
C LYS D 33 14.06 26.03 8.36
N ARG D 34 14.35 25.41 9.51
CA ARG D 34 13.90 24.05 9.82
C ARG D 34 14.41 23.02 8.81
N ILE D 35 13.54 22.14 8.28
CA ILE D 35 14.06 21.08 7.42
C ILE D 35 14.62 21.61 6.10
N GLY D 36 13.95 22.60 5.50
CA GLY D 36 14.46 23.15 4.22
C GLY D 36 15.81 23.81 4.37
N ARG D 37 16.02 24.50 5.50
CA ARG D 37 17.33 25.08 5.80
C ARG D 37 18.41 23.98 5.88
N ALA D 38 18.10 22.89 6.59
CA ALA D 38 19.10 21.84 6.77
C ALA D 38 19.40 21.18 5.42
N ILE D 39 18.39 21.05 4.56
CA ILE D 39 18.65 20.51 3.24
C ILE D 39 19.56 21.43 2.42
N ALA D 40 19.24 22.73 2.42
CA ALA D 40 20.06 23.70 1.66
C ALA D 40 21.52 23.68 2.18
N VAL D 41 21.68 23.66 3.50
CA VAL D 41 23.02 23.62 4.11
C VAL D 41 23.78 22.36 3.69
N LYS D 42 23.12 21.18 3.74
CA LYS D 42 23.82 19.96 3.43
C LYS D 42 24.11 19.87 1.93
N LEU D 43 23.19 20.35 1.04
CA LEU D 43 23.51 20.41 -0.37
C LEU D 43 24.73 21.34 -0.63
N HIS D 44 24.75 22.47 0.06
CA HIS D 44 25.88 23.42 -0.11
C HIS D 44 27.20 22.79 0.37
N GLN D 45 27.14 22.05 1.49
CA GLN D 45 28.34 21.34 2.02
C GLN D 45 28.83 20.26 1.05
N THR D 46 27.90 19.67 0.29
CA THR D 46 28.18 18.65 -0.70
C THR D 46 28.75 19.25 -1.98
N GLY D 47 28.61 20.57 -2.18
CA GLY D 47 29.23 21.23 -3.35
C GLY D 47 28.26 21.95 -4.27
N TYR D 48 26.97 21.95 -3.93
CA TYR D 48 25.95 22.64 -4.70
C TYR D 48 25.95 24.13 -4.43
N ARG D 49 25.68 24.86 -5.50
CA ARG D 49 25.18 26.23 -5.37
C ARG D 49 23.67 26.11 -5.11
N VAL D 50 23.13 27.00 -4.29
CA VAL D 50 21.72 26.86 -3.86
CA VAL D 50 21.73 26.86 -3.80
C VAL D 50 20.86 28.11 -4.03
N VAL D 51 19.63 27.92 -4.52
CA VAL D 51 18.60 28.95 -4.45
C VAL D 51 17.77 28.65 -3.22
N ILE D 52 17.77 29.58 -2.29
CA ILE D 52 16.97 29.53 -1.08
C ILE D 52 15.65 30.21 -1.31
N HIS D 53 14.60 29.44 -1.59
CA HIS D 53 13.30 29.99 -1.75
C HIS D 53 12.65 30.22 -0.38
N TYR D 54 11.92 31.33 -0.27
CA TYR D 54 11.16 31.64 0.92
C TYR D 54 9.87 32.38 0.56
N HIS D 55 8.96 32.46 1.54
CA HIS D 55 7.72 33.20 1.37
C HIS D 55 7.74 34.40 2.30
N ASN D 56 7.62 34.17 3.60
CA ASN D 56 7.61 35.27 4.56
C ASN D 56 8.91 35.43 5.33
N SER D 57 9.76 34.40 5.35
CA SER D 57 10.93 34.46 6.25
C SER D 57 12.15 35.12 5.57
N ALA D 58 12.00 36.40 5.24
CA ALA D 58 13.04 37.14 4.50
C ALA D 58 14.37 37.26 5.26
N GLU D 59 14.31 37.66 6.53
CA GLU D 59 15.50 37.83 7.36
C GLU D 59 16.27 36.51 7.48
N ALA D 60 15.55 35.41 7.75
CA ALA D 60 16.19 34.09 7.89
C ALA D 60 16.80 33.64 6.56
N ALA D 61 16.08 33.85 5.46
CA ALA D 61 16.60 33.47 4.14
C ALA D 61 17.90 34.22 3.80
N VAL D 62 17.88 35.52 4.00
CA VAL D 62 19.04 36.36 3.71
C VAL D 62 20.23 36.02 4.61
N SER D 63 19.98 35.77 5.90
CA SER D 63 21.01 35.34 6.84
CA SER D 63 21.05 35.36 6.81
C SER D 63 21.64 34.01 6.40
N LEU D 64 20.80 33.07 5.95
CA LEU D 64 21.35 31.80 5.48
C LEU D 64 22.23 32.00 4.23
N ALA D 65 21.72 32.77 3.27
CA ALA D 65 22.50 33.07 2.04
C ALA D 65 23.85 33.68 2.39
N ASP D 66 23.82 34.64 3.32
CA ASP D 66 25.03 35.28 3.85
C ASP D 66 26.02 34.26 4.43
N GLU D 67 25.53 33.31 5.24
CA GLU D 67 26.38 32.28 5.86
C GLU D 67 27.02 31.39 4.77
N LEU D 68 26.22 30.97 3.81
CA LEU D 68 26.71 30.08 2.75
C LEU D 68 27.68 30.79 1.82
N ASN D 69 27.39 32.06 1.50
CA ASN D 69 28.35 32.82 0.68
C ASN D 69 29.64 33.20 1.40
N LYS D 70 29.58 33.32 2.73
CA LYS D 70 30.81 33.52 3.51
C LYS D 70 31.76 32.32 3.37
N GLU D 71 31.17 31.11 3.27
CA GLU D 71 31.94 29.90 3.05
C GLU D 71 32.51 29.81 1.62
N ARG D 72 31.66 30.01 0.60
CA ARG D 72 32.11 30.08 -0.80
C ARG D 72 31.35 31.20 -1.48
N SER D 73 32.05 32.24 -1.93
CA SER D 73 31.36 33.39 -2.52
C SER D 73 30.54 32.99 -3.76
N ASN D 74 29.39 33.64 -3.95
CA ASN D 74 28.57 33.47 -5.16
C ASN D 74 28.03 32.04 -5.31
N THR D 75 27.69 31.44 -4.19
CA THR D 75 27.10 30.09 -4.22
C THR D 75 25.70 29.97 -3.66
N ALA D 76 25.09 31.10 -3.24
CA ALA D 76 23.73 31.10 -2.66
C ALA D 76 23.02 32.37 -3.05
N VAL D 77 21.74 32.26 -3.44
CA VAL D 77 20.87 33.43 -3.65
C VAL D 77 19.56 33.13 -2.98
N VAL D 78 18.76 34.14 -2.67
CA VAL D 78 17.40 33.95 -2.19
C VAL D 78 16.40 34.22 -3.30
N CYS D 79 15.19 33.63 -3.22
CA CYS D 79 14.14 33.89 -4.19
C CYS D 79 12.86 33.86 -3.43
N GLN D 80 12.07 34.93 -3.54
CA GLN D 80 10.84 35.06 -2.79
C GLN D 80 9.66 34.64 -3.66
N ALA D 81 8.75 33.79 -3.12
CA ALA D 81 7.49 33.48 -3.82
C ALA D 81 6.46 32.90 -2.88
N ASP D 82 5.22 33.34 -3.10
CA ASP D 82 4.06 32.65 -2.52
C ASP D 82 3.73 31.44 -3.42
N LEU D 83 3.62 30.26 -2.79
CA LEU D 83 3.30 29.03 -3.52
C LEU D 83 1.83 28.57 -3.40
N THR D 84 0.98 29.45 -2.87
CA THR D 84 -0.48 29.26 -2.84
CA THR D 84 -0.46 29.19 -2.83
C THR D 84 -0.97 29.11 -4.28
N ASN D 85 -1.94 28.22 -4.52
CA ASN D 85 -2.41 28.13 -5.88
C ASN D 85 -3.16 29.39 -6.29
N SER D 86 -2.96 29.79 -7.54
CA SER D 86 -3.69 30.94 -8.13
C SER D 86 -3.35 30.90 -9.61
N ASN D 87 -3.98 31.78 -10.39
CA ASN D 87 -3.70 31.83 -11.82
C ASN D 87 -2.29 32.30 -12.15
N VAL D 88 -1.57 32.88 -11.17
CA VAL D 88 -0.18 33.32 -11.38
CA VAL D 88 -0.19 33.33 -11.39
C VAL D 88 0.84 32.30 -10.84
N LEU D 89 0.34 31.24 -10.21
CA LEU D 89 1.28 30.26 -9.66
C LEU D 89 2.23 29.67 -10.71
N PRO D 90 1.73 29.32 -11.93
CA PRO D 90 2.71 28.83 -12.95
C PRO D 90 3.87 29.82 -13.23
N ALA D 91 3.53 31.10 -13.33
CA ALA D 91 4.54 32.14 -13.56
C ALA D 91 5.54 32.21 -12.39
N SER D 92 5.03 32.12 -11.15
CA SER D 92 5.90 32.10 -9.95
C SER D 92 6.87 30.93 -9.93
N CYS D 93 6.35 29.76 -10.28
CA CYS D 93 7.18 28.58 -10.27
C CYS D 93 8.20 28.64 -11.40
N GLU D 94 7.74 29.10 -12.56
CA GLU D 94 8.70 29.34 -13.65
C GLU D 94 9.81 30.28 -13.18
N GLU D 95 9.45 31.34 -12.45
CA GLU D 95 10.44 32.31 -12.04
C GLU D 95 11.43 31.75 -11.02
N ILE D 96 10.98 30.83 -10.15
CA ILE D 96 11.91 30.20 -9.19
C ILE D 96 12.99 29.42 -9.95
N ILE D 97 12.57 28.65 -10.96
CA ILE D 97 13.52 27.87 -11.74
C ILE D 97 14.41 28.84 -12.52
N ASN D 98 13.78 29.86 -13.10
CA ASN D 98 14.56 30.86 -13.84
C ASN D 98 15.59 31.56 -12.96
N SER D 99 15.27 31.74 -11.67
CA SER D 99 16.25 32.35 -10.75
CA SER D 99 16.23 32.33 -10.72
C SER D 99 17.51 31.49 -10.55
N CYS D 100 17.37 30.18 -10.59
CA CYS D 100 18.51 29.30 -10.54
C CYS D 100 19.38 29.41 -11.77
N PHE D 101 18.75 29.42 -12.95
CA PHE D 101 19.53 29.64 -14.17
C PHE D 101 20.17 31.02 -14.22
N ARG D 102 19.46 32.04 -13.73
CA ARG D 102 20.03 33.41 -13.80
C ARG D 102 21.28 33.49 -12.95
N ALA D 103 21.25 32.91 -11.75
CA ALA D 103 22.35 32.98 -10.78
C ALA D 103 23.53 32.04 -11.14
N PHE D 104 23.20 30.84 -11.62
CA PHE D 104 24.17 29.74 -11.69
C PHE D 104 24.34 29.09 -13.06
N GLY D 105 23.46 29.41 -14.01
CA GLY D 105 23.56 28.92 -15.39
C GLY D 105 23.04 27.51 -15.61
N ARG D 106 22.43 26.91 -14.58
CA ARG D 106 22.05 25.47 -14.60
C ARG D 106 21.15 25.25 -13.42
N CYS D 107 20.45 24.13 -13.44
CA CYS D 107 19.60 23.75 -12.32
C CYS D 107 19.55 22.20 -12.32
N ASP D 108 20.26 21.58 -11.39
CA ASP D 108 20.45 20.11 -11.38
C ASP D 108 19.48 19.40 -10.46
N VAL D 109 19.05 20.07 -9.40
CA VAL D 109 18.24 19.48 -8.34
C VAL D 109 17.14 20.42 -7.94
N LEU D 110 15.94 19.87 -7.77
CA LEU D 110 14.80 20.60 -7.21
C LEU D 110 14.32 19.83 -5.98
N VAL D 111 14.26 20.50 -4.84
CA VAL D 111 13.70 19.93 -3.61
C VAL D 111 12.40 20.65 -3.27
N ASN D 112 11.27 19.91 -3.35
CA ASN D 112 9.96 20.46 -2.99
C ASN D 112 9.66 20.27 -1.53
N ASN D 113 10.01 21.23 -0.71
CA ASN D 113 9.95 21.16 0.73
C ASN D 113 8.89 22.10 1.27
N ALA D 114 8.64 23.28 0.66
CA ALA D 114 7.70 24.22 1.25
C ALA D 114 6.32 23.58 1.45
N SER D 115 5.62 23.96 2.52
CA SER D 115 4.39 23.27 2.86
C SER D 115 3.57 24.00 3.88
N ALA D 116 2.30 24.28 3.55
CA ALA D 116 1.33 24.72 4.53
C ALA D 116 0.75 23.52 5.25
N PHE D 117 0.43 23.71 6.53
CA PHE D 117 0.02 22.63 7.38
C PHE D 117 -0.84 23.19 8.50
N TYR D 118 -2.11 22.83 8.51
CA TYR D 118 -3.05 23.24 9.56
C TYR D 118 -4.32 22.44 9.36
N PRO D 119 -5.18 22.38 10.40
CA PRO D 119 -6.41 21.58 10.29
C PRO D 119 -7.49 22.25 9.47
N THR D 120 -8.31 21.43 8.81
CA THR D 120 -9.47 21.88 8.02
C THR D 120 -10.62 20.90 8.35
N PRO D 121 -11.29 21.11 9.52
CA PRO D 121 -12.31 20.11 9.92
C PRO D 121 -13.45 20.02 8.91
N LEU D 122 -14.00 18.81 8.75
CA LEU D 122 -15.12 18.61 7.84
C LEU D 122 -16.44 19.12 8.38
N VAL D 123 -16.56 19.16 9.72
CA VAL D 123 -17.82 19.57 10.43
C VAL D 123 -17.47 20.73 11.35
N GLN D 124 -18.31 21.78 11.32
CA GLN D 124 -18.13 22.98 12.12
C GLN D 124 -19.10 23.02 13.29
N LYS D 134 -9.92 32.22 7.30
CA LYS D 134 -9.72 31.97 5.88
C LYS D 134 -10.95 31.26 5.33
N THR D 135 -11.33 31.60 4.10
CA THR D 135 -12.37 30.84 3.40
C THR D 135 -11.86 29.43 3.08
N VAL D 136 -12.81 28.52 2.84
CA VAL D 136 -12.39 27.17 2.48
CA VAL D 136 -12.45 27.16 2.44
C VAL D 136 -11.63 27.19 1.13
N GLU D 137 -12.00 28.06 0.18
CA GLU D 137 -11.21 28.10 -1.07
C GLU D 137 -9.77 28.59 -0.85
N THR D 138 -9.57 29.51 0.10
CA THR D 138 -8.20 29.87 0.47
C THR D 138 -7.40 28.71 1.09
N GLN D 139 -8.06 27.94 1.97
CA GLN D 139 -7.44 26.75 2.54
C GLN D 139 -7.08 25.75 1.45
N VAL D 140 -8.04 25.49 0.53
CA VAL D 140 -7.70 24.64 -0.63
C VAL D 140 -6.46 25.18 -1.39
N ALA D 141 -6.48 26.49 -1.72
CA ALA D 141 -5.37 27.06 -2.48
C ALA D 141 -4.03 26.93 -1.76
N GLU D 142 -4.04 27.12 -0.45
CA GLU D 142 -2.81 27.07 0.33
C GLU D 142 -2.31 25.65 0.54
N LEU D 143 -3.20 24.75 0.99
CA LEU D 143 -2.78 23.40 1.36
C LEU D 143 -2.53 22.54 0.12
N ILE D 144 -3.43 22.58 -0.86
CA ILE D 144 -3.20 21.86 -2.09
C ILE D 144 -2.17 22.54 -2.99
N GLY D 145 -2.17 23.89 -2.99
CA GLY D 145 -1.12 24.61 -3.78
C GLY D 145 0.29 24.31 -3.32
N THR D 146 0.56 24.55 -2.04
CA THR D 146 1.95 24.37 -1.56
C THR D 146 2.40 22.90 -1.59
N ASN D 147 1.49 21.98 -1.21
CA ASN D 147 1.90 20.59 -1.09
C ASN D 147 1.88 19.82 -2.37
N ALA D 148 1.17 20.30 -3.37
CA ALA D 148 0.96 19.49 -4.59
C ALA D 148 1.07 20.28 -5.91
N ILE D 149 0.34 21.40 -6.03
CA ILE D 149 0.28 22.10 -7.32
CA ILE D 149 0.29 22.10 -7.32
C ILE D 149 1.61 22.83 -7.60
N ALA D 150 2.18 23.48 -6.58
CA ALA D 150 3.48 24.14 -6.79
C ALA D 150 4.55 23.10 -7.13
N PRO D 151 4.63 21.94 -6.39
CA PRO D 151 5.61 20.92 -6.80
C PRO D 151 5.39 20.48 -8.26
N PHE D 152 4.14 20.32 -8.69
CA PHE D 152 3.84 19.96 -10.08
C PHE D 152 4.34 21.01 -11.08
N LEU D 153 4.05 22.28 -10.79
CA LEU D 153 4.46 23.38 -11.71
C LEU D 153 5.98 23.56 -11.71
N LEU D 154 6.57 23.45 -10.52
CA LEU D 154 8.04 23.49 -10.43
C LEU D 154 8.69 22.35 -11.18
N THR D 155 8.05 21.17 -11.12
CA THR D 155 8.54 20.03 -11.87
C THR D 155 8.44 20.25 -13.37
N MET D 156 7.30 20.81 -13.83
CA MET D 156 7.16 21.19 -15.24
CA MET D 156 7.15 21.20 -15.22
C MET D 156 8.26 22.15 -15.68
N SER D 157 8.47 23.21 -14.88
CA SER D 157 9.41 24.25 -15.30
C SER D 157 10.85 23.70 -15.21
N PHE D 158 11.18 22.89 -14.18
CA PHE D 158 12.49 22.26 -14.10
C PHE D 158 12.78 21.43 -15.33
N ALA D 159 11.80 20.60 -15.72
CA ALA D 159 12.01 19.71 -16.86
C ALA D 159 12.10 20.49 -18.19
N GLN D 160 11.26 21.53 -18.34
CA GLN D 160 11.21 22.30 -19.59
C GLN D 160 12.53 23.06 -19.79
N ARG D 161 13.14 23.51 -18.68
CA ARG D 161 14.29 24.43 -18.78
C ARG D 161 15.57 23.72 -19.01
N GLN D 162 15.55 22.39 -18.97
CA GLN D 162 16.78 21.62 -19.18
C GLN D 162 17.32 21.84 -20.60
N ASN D 173 23.49 14.41 -13.63
CA ASN D 173 22.73 13.76 -12.54
C ASN D 173 21.58 14.66 -12.05
N LEU D 174 20.52 14.68 -12.85
CA LEU D 174 19.38 15.55 -12.54
C LEU D 174 18.37 14.82 -11.69
N SER D 175 17.85 15.48 -10.67
CA SER D 175 16.81 14.88 -9.87
C SER D 175 15.96 15.83 -9.08
N ILE D 176 14.80 15.32 -8.70
CA ILE D 176 13.82 16.04 -7.92
C ILE D 176 13.57 15.19 -6.68
N VAL D 177 13.46 15.87 -5.55
CA VAL D 177 13.13 15.21 -4.28
C VAL D 177 11.95 15.92 -3.68
N ASN D 178 10.85 15.18 -3.43
CA ASN D 178 9.66 15.75 -2.82
C ASN D 178 9.57 15.38 -1.35
N LEU D 179 9.26 16.32 -0.48
CA LEU D 179 9.08 16.05 0.96
C LEU D 179 7.65 15.62 1.17
N CYS D 180 7.53 14.33 1.46
CA CYS D 180 6.25 13.63 1.60
C CYS D 180 5.90 13.54 3.08
N ASP D 181 5.09 12.56 3.47
CA ASP D 181 4.69 12.40 4.87
C ASP D 181 4.56 10.90 5.16
N ALA D 182 5.33 10.37 6.11
CA ALA D 182 5.26 8.91 6.37
C ALA D 182 3.89 8.50 6.92
N MET D 183 3.15 9.45 7.47
CA MET D 183 1.83 9.18 8.05
C MET D 183 0.67 9.34 7.07
N VAL D 184 0.96 9.35 5.79
CA VAL D 184 -0.06 9.69 4.78
C VAL D 184 -1.30 8.76 4.84
N ASP D 185 -1.09 7.52 5.26
CA ASP D 185 -2.19 6.55 5.34
C ASP D 185 -2.71 6.34 6.75
N GLN D 186 -2.18 7.08 7.73
CA GLN D 186 -2.75 7.12 9.08
C GLN D 186 -2.84 8.59 9.48
N PRO D 187 -3.78 9.29 8.86
CA PRO D 187 -3.68 10.78 8.92
C PRO D 187 -4.12 11.37 10.24
N CYS D 188 -3.63 12.57 10.52
CA CYS D 188 -4.09 13.29 11.69
C CYS D 188 -5.56 13.70 11.53
N MET D 189 -6.29 13.58 12.63
CA MET D 189 -7.67 13.93 12.69
C MET D 189 -7.87 15.40 12.25
N ALA D 190 -8.80 15.63 11.32
CA ALA D 190 -9.22 16.98 10.89
C ALA D 190 -8.19 17.65 9.97
N PHE D 191 -7.33 16.85 9.35
CA PHE D 191 -6.29 17.38 8.40
C PHE D 191 -6.55 16.91 6.98
N SER D 192 -7.81 16.86 6.57
CA SER D 192 -8.18 16.32 5.25
CA SER D 192 -8.12 16.28 5.26
C SER D 192 -7.45 16.99 4.10
N LEU D 193 -7.53 18.33 4.03
CA LEU D 193 -6.92 18.97 2.87
C LEU D 193 -5.39 18.81 2.84
N TYR D 194 -4.73 18.92 4.00
CA TYR D 194 -3.31 18.66 4.08
C TYR D 194 -3.01 17.24 3.59
N ASN D 195 -3.80 16.27 4.07
CA ASN D 195 -3.52 14.88 3.74
C ASN D 195 -3.78 14.62 2.23
N MET D 196 -4.80 15.27 1.67
CA MET D 196 -5.10 15.18 0.24
C MET D 196 -3.87 15.70 -0.52
N GLY D 197 -3.34 16.86 -0.06
CA GLY D 197 -2.16 17.45 -0.75
C GLY D 197 -0.99 16.50 -0.74
N LYS D 198 -0.70 15.89 0.42
CA LYS D 198 0.41 14.97 0.52
C LYS D 198 0.20 13.70 -0.31
N HIS D 199 -1.04 13.18 -0.33
CA HIS D 199 -1.35 12.06 -1.25
C HIS D 199 -1.12 12.41 -2.70
N ALA D 200 -1.55 13.61 -3.08
CA ALA D 200 -1.32 14.08 -4.45
C ALA D 200 0.17 14.19 -4.76
N LEU D 201 0.98 14.54 -3.75
CA LEU D 201 2.41 14.64 -3.96
C LEU D 201 3.02 13.26 -4.20
N VAL D 202 2.48 12.20 -3.55
CA VAL D 202 2.94 10.84 -3.87
C VAL D 202 2.60 10.53 -5.35
N GLY D 203 1.39 10.88 -5.81
CA GLY D 203 1.02 10.64 -7.20
C GLY D 203 1.95 11.38 -8.13
N LEU D 204 2.22 12.65 -7.80
CA LEU D 204 3.17 13.39 -8.65
C LEU D 204 4.54 12.72 -8.70
N THR D 205 5.05 12.30 -7.54
CA THR D 205 6.37 11.68 -7.49
C THR D 205 6.44 10.47 -8.46
N GLN D 206 5.40 9.63 -8.39
CA GLN D 206 5.37 8.44 -9.25
C GLN D 206 5.14 8.79 -10.72
N SER D 207 4.19 9.71 -11.02
CA SER D 207 3.88 10.08 -12.40
C SER D 207 5.07 10.78 -13.05
N ALA D 208 5.71 11.70 -12.31
CA ALA D 208 6.84 12.42 -12.88
C ALA D 208 8.06 11.50 -13.01
N ALA D 209 8.24 10.55 -12.08
CA ALA D 209 9.32 9.59 -12.25
C ALA D 209 9.19 8.83 -13.58
N LEU D 210 7.98 8.37 -13.87
CA LEU D 210 7.69 7.65 -15.11
CA LEU D 210 7.73 7.66 -15.12
C LEU D 210 7.94 8.54 -16.34
N GLU D 211 7.40 9.74 -16.31
CA GLU D 211 7.40 10.61 -17.50
C GLU D 211 8.74 11.27 -17.76
N LEU D 212 9.52 11.53 -16.70
CA LEU D 212 10.77 12.24 -16.90
C LEU D 212 12.01 11.34 -16.96
N ALA D 213 11.87 10.05 -16.66
CA ALA D 213 12.98 9.10 -16.83
C ALA D 213 13.67 9.20 -18.22
N PRO D 214 12.88 9.29 -19.34
CA PRO D 214 13.58 9.42 -20.64
C PRO D 214 14.46 10.65 -20.79
N TYR D 215 14.25 11.68 -19.96
CA TYR D 215 15.07 12.90 -19.98
C TYR D 215 16.20 12.84 -18.96
N GLY D 216 16.37 11.69 -18.31
CA GLY D 216 17.38 11.51 -17.32
C GLY D 216 17.13 12.21 -15.99
N ILE D 217 15.88 12.51 -15.68
CA ILE D 217 15.55 13.15 -14.42
C ILE D 217 14.93 12.09 -13.52
N ARG D 218 15.56 11.86 -12.37
CA ARG D 218 14.98 10.95 -11.35
C ARG D 218 14.09 11.74 -10.40
N VAL D 219 13.04 11.13 -9.91
CA VAL D 219 12.05 11.84 -9.06
C VAL D 219 11.74 10.92 -7.90
N ASN D 220 12.08 11.35 -6.68
CA ASN D 220 11.91 10.49 -5.49
C ASN D 220 11.33 11.32 -4.35
N GLY D 221 11.03 10.67 -3.24
CA GLY D 221 10.49 11.32 -2.10
C GLY D 221 11.25 10.95 -0.82
N VAL D 222 11.19 11.85 0.16
CA VAL D 222 11.59 11.58 1.55
C VAL D 222 10.41 11.89 2.42
N ALA D 223 10.04 10.91 3.26
CA ALA D 223 8.81 11.00 4.05
C ALA D 223 9.13 11.00 5.55
N PRO D 224 9.24 12.19 6.17
CA PRO D 224 9.42 12.25 7.63
C PRO D 224 8.16 11.76 8.35
N GLY D 225 8.35 11.26 9.58
CA GLY D 225 7.22 10.95 10.44
C GLY D 225 6.99 12.13 11.40
N VAL D 226 7.60 12.03 12.57
CA VAL D 226 7.73 13.17 13.47
C VAL D 226 9.18 13.68 13.33
N SER D 227 9.33 14.87 12.77
CA SER D 227 10.58 15.58 12.77
C SER D 227 10.36 16.83 13.60
N LEU D 228 10.89 17.97 13.17
CA LEU D 228 10.83 19.16 14.02
C LEU D 228 9.41 19.57 14.31
N LEU D 229 9.12 19.66 15.60
CA LEU D 229 7.76 19.95 16.04
C LEU D 229 7.52 21.47 15.87
N PRO D 230 6.25 21.91 15.85
CA PRO D 230 6.01 23.37 15.66
C PRO D 230 6.61 24.20 16.81
N VAL D 231 7.16 25.36 16.47
CA VAL D 231 7.72 26.29 17.45
C VAL D 231 6.71 26.60 18.55
N ALA D 232 5.44 26.76 18.17
CA ALA D 232 4.38 27.16 19.10
C ALA D 232 3.85 26.02 19.99
N MET D 233 4.19 24.78 19.66
CA MET D 233 3.70 23.63 20.41
C MET D 233 4.33 23.60 21.80
N GLY D 234 3.49 23.41 22.83
CA GLY D 234 3.98 23.29 24.20
C GLY D 234 4.77 22.01 24.43
N GLU D 235 5.58 22.03 25.49
CA GLU D 235 6.53 20.95 25.78
C GLU D 235 5.83 19.60 26.02
N GLU D 236 4.73 19.62 26.77
CA GLU D 236 3.94 18.41 27.06
C GLU D 236 3.42 17.75 25.76
N GLU D 237 2.89 18.57 24.84
CA GLU D 237 2.39 18.07 23.56
C GLU D 237 3.54 17.54 22.69
N LYS D 238 4.68 18.25 22.67
CA LYS D 238 5.86 17.75 21.93
C LYS D 238 6.30 16.39 22.45
N ASP D 239 6.31 16.23 23.77
CA ASP D 239 6.71 14.98 24.38
C ASP D 239 5.76 13.83 24.08
N LYS D 240 4.48 14.15 23.92
CA LYS D 240 3.46 13.15 23.52
C LYS D 240 3.84 12.55 22.16
N TRP D 241 4.20 13.43 21.21
CA TRP D 241 4.60 13.00 19.86
C TRP D 241 5.92 12.24 19.88
N ARG D 242 6.89 12.73 20.66
CA ARG D 242 8.19 12.05 20.77
C ARG D 242 8.05 10.60 21.29
N ARG D 243 7.19 10.44 22.29
CA ARG D 243 6.96 9.12 22.93
C ARG D 243 6.37 8.05 22.01
N LYS D 244 5.84 8.47 20.86
CA LYS D 244 5.21 7.54 19.89
C LYS D 244 6.29 6.77 19.07
N VAL D 245 7.48 7.33 18.98
CA VAL D 245 8.47 6.86 18.00
C VAL D 245 9.27 5.67 18.54
N PRO D 246 9.18 4.49 17.88
CA PRO D 246 9.89 3.32 18.41
C PRO D 246 11.41 3.49 18.52
N LEU D 247 12.01 4.13 17.52
CA LEU D 247 13.45 4.23 17.50
C LEU D 247 13.89 5.49 18.22
N GLY D 248 14.09 5.36 19.52
CA GLY D 248 14.68 6.43 20.33
C GLY D 248 13.68 7.32 21.04
N ARG D 249 12.38 7.20 20.76
CA ARG D 249 11.36 8.03 21.41
C ARG D 249 11.71 9.54 21.28
N ARG D 250 12.12 9.90 20.08
CA ARG D 250 12.51 11.29 19.77
C ARG D 250 12.16 11.56 18.32
N GLU D 251 11.96 12.85 17.99
CA GLU D 251 11.75 13.31 16.64
C GLU D 251 13.05 13.25 15.80
N ALA D 252 12.92 13.15 14.47
CA ALA D 252 14.07 13.25 13.57
C ALA D 252 14.60 14.67 13.63
N SER D 253 15.92 14.80 13.67
CA SER D 253 16.52 16.12 13.45
C SER D 253 16.31 16.52 11.98
N ALA D 254 16.33 17.83 11.70
CA ALA D 254 16.30 18.29 10.33
C ALA D 254 17.48 17.69 9.53
N GLU D 255 18.63 17.51 10.19
CA GLU D 255 19.80 16.95 9.51
C GLU D 255 19.61 15.48 9.08
N GLN D 256 18.88 14.71 9.88
CA GLN D 256 18.57 13.32 9.52
C GLN D 256 17.67 13.27 8.27
N ILE D 257 16.72 14.19 8.18
CA ILE D 257 15.87 14.25 6.96
C ILE D 257 16.74 14.64 5.75
N ALA D 258 17.60 15.65 5.95
CA ALA D 258 18.48 16.08 4.87
C ALA D 258 19.41 14.98 4.39
N ASP D 259 19.89 14.14 5.31
CA ASP D 259 20.76 13.01 4.92
C ASP D 259 20.08 12.13 3.85
N ALA D 260 18.77 11.89 3.97
CA ALA D 260 18.10 11.05 2.97
C ALA D 260 17.97 11.79 1.63
N VAL D 261 17.79 13.12 1.68
CA VAL D 261 17.73 13.91 0.45
C VAL D 261 19.10 13.83 -0.27
N ILE D 262 20.19 13.99 0.50
CA ILE D 262 21.56 13.91 -0.04
C ILE D 262 21.79 12.57 -0.74
N PHE D 263 21.34 11.47 -0.11
CA PHE D 263 21.49 10.17 -0.75
C PHE D 263 20.76 10.13 -2.08
N LEU D 264 19.51 10.55 -2.09
CA LEU D 264 18.70 10.45 -3.30
C LEU D 264 19.22 11.29 -4.47
N VAL D 265 19.88 12.42 -4.17
CA VAL D 265 20.42 13.24 -5.28
C VAL D 265 21.79 12.75 -5.74
N SER D 266 22.40 11.89 -4.91
CA SER D 266 23.79 11.43 -5.13
C SER D 266 23.93 10.40 -6.26
N GLY D 267 25.18 10.20 -6.70
CA GLY D 267 25.50 9.14 -7.64
C GLY D 267 25.21 7.72 -7.11
N SER D 268 25.07 7.58 -5.80
CA SER D 268 24.76 6.27 -5.20
C SER D 268 23.26 5.89 -5.33
N ALA D 269 22.46 6.75 -5.97
CA ALA D 269 21.01 6.51 -6.15
C ALA D 269 20.63 6.61 -7.64
N GLN D 270 21.60 6.46 -8.54
CA GLN D 270 21.32 6.64 -9.98
C GLN D 270 20.38 5.64 -10.63
N TYR D 271 20.04 4.54 -9.93
CA TYR D 271 19.03 3.61 -10.47
C TYR D 271 17.74 3.68 -9.63
N ILE D 272 17.60 4.71 -8.79
CA ILE D 272 16.41 4.87 -7.96
C ILE D 272 15.55 5.99 -8.54
N THR D 273 14.32 5.66 -8.93
CA THR D 273 13.36 6.69 -9.29
C THR D 273 11.97 6.19 -8.91
N GLY D 274 11.13 7.10 -8.46
CA GLY D 274 9.78 6.77 -8.04
C GLY D 274 9.71 6.23 -6.62
N SER D 275 10.80 6.30 -5.85
CA SER D 275 10.88 5.68 -4.49
C SER D 275 10.66 6.75 -3.44
N ILE D 276 9.90 6.43 -2.40
CA ILE D 276 9.72 7.31 -1.28
C ILE D 276 10.37 6.66 -0.08
N ILE D 277 11.39 7.31 0.49
CA ILE D 277 12.12 6.77 1.65
C ILE D 277 11.52 7.31 2.91
N LYS D 278 10.92 6.47 3.75
CA LYS D 278 10.47 6.93 5.08
C LYS D 278 11.66 7.15 5.99
N VAL D 279 11.65 8.29 6.65
CA VAL D 279 12.64 8.60 7.69
C VAL D 279 11.83 8.89 8.94
N ASP D 280 11.36 7.83 9.60
CA ASP D 280 10.30 8.00 10.59
C ASP D 280 10.53 7.24 11.89
N GLY D 281 11.69 6.60 12.04
CA GLY D 281 11.99 5.91 13.33
C GLY D 281 11.03 4.75 13.62
N GLY D 282 10.36 4.25 12.57
CA GLY D 282 9.38 3.17 12.74
C GLY D 282 7.98 3.65 13.08
N LEU D 283 7.71 4.97 13.09
CA LEU D 283 6.40 5.49 13.55
C LEU D 283 5.21 4.92 12.76
N SER D 284 5.35 4.78 11.44
CA SER D 284 4.24 4.35 10.56
C SER D 284 3.88 2.91 10.78
N LEU D 285 4.73 2.19 11.50
CA LEU D 285 4.51 0.74 11.77
C LEU D 285 3.73 0.50 13.05
N VAL D 286 3.45 1.56 13.81
CA VAL D 286 2.84 1.43 15.13
C VAL D 286 1.32 1.47 15.03
N HIS D 287 0.66 0.41 15.50
CA HIS D 287 -0.82 0.41 15.52
C HIS D 287 -1.41 1.31 16.59
N ALA D 288 -2.71 1.60 16.43
CA ALA D 288 -3.52 2.37 17.38
C ALA D 288 -3.36 1.87 18.79
PA NAP E . -9.39 -18.52 15.72
O1A NAP E . -10.61 -18.74 16.58
O2A NAP E . -8.17 -18.03 16.44
O5B NAP E . -8.94 -19.85 14.92
C5B NAP E . -9.89 -20.40 13.97
C4B NAP E . -9.68 -21.90 13.96
O4B NAP E . -8.38 -22.18 13.45
C3B NAP E . -9.68 -22.63 15.30
O3B NAP E . -11.03 -22.86 15.75
C2B NAP E . -8.86 -23.88 14.96
O2B NAP E . -9.67 -25.06 14.84
C1B NAP E . -8.20 -23.56 13.59
N9A NAP E . -6.77 -23.88 13.71
C8A NAP E . -5.81 -23.36 14.58
N7A NAP E . -4.66 -24.07 14.44
C5A NAP E . -4.88 -25.08 13.55
C6A NAP E . -4.10 -26.20 12.96
N6A NAP E . -2.84 -26.47 13.35
N1A NAP E . -4.75 -27.00 12.08
C2A NAP E . -6.03 -26.78 11.66
N3A NAP E . -6.80 -25.78 12.14
C4A NAP E . -6.26 -24.94 13.08
O3 NAP E . -9.83 -17.52 14.50
PN NAP E . -10.81 -16.27 14.53
O1N NAP E . -12.22 -16.79 14.43
O2N NAP E . -10.39 -15.41 15.69
O5D NAP E . -10.35 -15.58 13.15
C5D NAP E . -10.79 -16.12 11.86
C4D NAP E . -9.78 -15.67 10.80
O4D NAP E . -9.74 -14.21 10.78
C3D NAP E . -8.34 -16.10 11.04
O3D NAP E . -7.66 -16.33 9.80
C2D NAP E . -7.73 -14.85 11.69
O2D NAP E . -6.33 -14.74 11.53
C1D NAP E . -8.45 -13.70 10.98
N1N NAP E . -8.47 -12.53 11.86
C2N NAP E . -9.23 -12.51 12.99
C3N NAP E . -9.21 -11.41 13.85
C7N NAP E . -10.02 -11.35 15.11
O7N NAP E . -10.21 -10.25 15.64
N7N NAP E . -10.54 -12.49 15.62
C4N NAP E . -8.41 -10.30 13.51
C5N NAP E . -7.63 -10.35 12.30
C6N NAP E . -7.70 -11.47 11.48
P2B NAP E . -10.13 -26.00 16.08
O1X NAP E . -10.90 -25.04 17.02
O2X NAP E . -8.87 -26.62 16.64
O3X NAP E . -11.04 -27.00 15.38
OAZ FE1 F . -2.20 -9.19 22.28
CAU FE1 F . -2.80 -10.18 21.91
NAV FE1 F . -2.41 -11.39 22.42
CAW FE1 F . -1.29 -11.44 23.40
CAX FE1 F . -1.68 -12.33 24.56
CBA FE1 F . -2.96 -12.74 22.13
CBB FE1 F . -1.97 -13.83 22.57
CBC FE1 F . -1.73 -13.78 24.09
CBD FE1 F . -0.42 -14.47 24.46
OBG FE1 F . 0.55 -13.81 24.87
OBE FE1 F . -0.39 -15.83 24.34
CBF FE1 F . 0.79 -16.35 24.95
CAT FE1 F . -3.88 -9.98 20.97
CAS FE1 F . -3.94 -8.88 20.07
CAR FE1 F . -4.99 -8.67 19.14
CAJ FE1 F . -6.08 -9.61 19.12
CAK FE1 F . -6.01 -10.66 20.04
CAL FE1 F . -4.97 -10.84 20.94
N10 FE1 F . -7.18 -9.57 18.29
CAB FE1 F . -7.50 -8.35 17.51
C9 FE1 F . -8.21 -10.64 18.30
C6 FE1 F . -7.85 -11.87 17.69
N5 FE1 F . -7.08 -11.93 16.57
C4A FE1 F . -6.86 -13.17 16.00
C8A FE1 F . -7.40 -14.33 16.57
N8 FE1 F . -8.14 -14.29 17.70
C7 FE1 F . -8.40 -13.05 18.24
C4 FE1 F . -6.08 -13.35 14.85
N4 FE1 F . -5.54 -12.25 14.29
N3 FE1 F . -5.83 -14.57 14.32
C2 FE1 F . -6.40 -15.64 14.89
N1 FE1 F . -7.13 -15.53 16.01
N2 FE1 F . -6.17 -16.83 14.37
C1 GOL G . -18.66 -9.50 27.53
O1 GOL G . -18.81 -8.08 27.52
C2 GOL G . -18.05 -9.86 26.18
O2 GOL G . -16.65 -9.50 26.19
C3 GOL G . -18.26 -11.35 26.00
O3 GOL G . -17.56 -11.81 24.84
C ACT H . -19.40 -20.14 18.14
O ACT H . -20.13 -19.49 17.34
OXT ACT H . -18.25 -19.76 18.51
CH3 ACT H . -19.92 -21.43 18.73
PA NAP I . -16.65 9.69 -17.40
O1A NAP I . -17.66 9.20 -18.40
O2A NAP I . -15.29 10.06 -17.92
O5B NAP I . -17.16 11.01 -16.60
C5B NAP I . -18.30 10.96 -15.75
C4B NAP I . -19.05 12.27 -15.78
O4B NAP I . -18.19 13.22 -15.10
C3B NAP I . -19.30 12.91 -17.14
O3B NAP I . -20.40 12.31 -17.81
C2B NAP I . -19.41 14.40 -16.78
O2B NAP I . -20.79 14.84 -16.73
C1B NAP I . -18.81 14.46 -15.32
N9A NAP I . -17.84 15.58 -15.32
C8A NAP I . -16.70 15.66 -16.07
N7A NAP I . -16.14 16.89 -15.87
C5A NAP I . -16.99 17.57 -15.05
C6A NAP I . -17.05 18.92 -14.45
N6A NAP I . -16.11 19.87 -14.73
N1A NAP I . -18.06 19.19 -13.65
C2A NAP I . -19.03 18.31 -13.34
N3A NAP I . -19.08 17.05 -13.83
C4A NAP I . -18.08 16.69 -14.68
O3 NAP I . -16.46 8.65 -16.19
PN NAP I . -16.66 7.05 -16.23
O1N NAP I . -18.11 6.68 -16.23
O2N NAP I . -15.72 6.53 -17.28
O5D NAP I . -16.00 6.71 -14.81
C5D NAP I . -16.79 6.88 -13.62
C4D NAP I . -15.79 6.97 -12.44
O4D NAP I . -14.91 5.81 -12.41
C3D NAP I . -14.84 8.16 -12.58
O3D NAP I . -14.59 8.74 -11.28
C2D NAP I . -13.55 7.53 -13.12
O2D NAP I . -12.38 8.23 -12.82
C1D NAP I . -13.53 6.15 -12.47
N1N NAP I . -12.80 5.20 -13.32
C2N NAP I . -13.35 4.81 -14.54
C3N NAP I . -12.59 3.95 -15.34
C7N NAP I . -13.13 3.45 -16.66
O7N NAP I . -12.51 2.53 -17.18
N7N NAP I . -14.14 4.09 -17.28
C4N NAP I . -11.34 3.48 -14.89
C5N NAP I . -10.84 3.91 -13.65
C6N NAP I . -11.58 4.77 -12.86
P2B NAP I . -21.61 15.43 -17.97
O1X NAP I . -21.51 14.31 -19.05
O2X NAP I . -20.89 16.70 -18.42
O3X NAP I . -22.98 15.74 -17.40
OAZ FE1 J . -5.57 6.41 -23.85
CAU FE1 J . -6.43 7.01 -23.22
NAV FE1 J . -6.61 8.33 -23.50
CAW FE1 J . -5.74 8.92 -24.54
CAX FE1 J . -6.66 9.53 -25.56
CBA FE1 J . -7.60 9.29 -22.94
CBB FE1 J . -7.35 10.73 -23.46
CBC FE1 J . -7.12 10.83 -25.00
CBD FE1 J . -6.03 11.85 -25.34
OBG FE1 J . -4.89 11.46 -25.60
OBE FE1 J . -6.41 13.15 -25.36
CBF FE1 J . -5.44 13.90 -26.11
CAT FE1 J . -7.21 6.22 -22.30
CAS FE1 J . -6.59 5.27 -21.43
CAR FE1 J . -7.31 4.43 -20.53
CAJ FE1 J . -8.72 4.54 -20.53
CAK FE1 J . -9.31 5.46 -21.43
CAL FE1 J . -8.61 6.28 -22.31
N10 FE1 J . -9.58 3.83 -19.75
CAB FE1 J . -9.08 2.72 -18.89
C9 FE1 J . -11.03 4.08 -19.86
C6 FE1 J . -11.48 5.26 -19.19
N5 FE1 J . -10.99 5.68 -17.97
C4A FE1 J . -11.52 6.78 -17.37
C8A FE1 J . -12.53 7.48 -18.01
N8 FE1 J . -13.06 7.11 -19.21
C7 FE1 J . -12.49 5.97 -19.81
C4 FE1 J . -11.08 7.29 -16.14
N4 FE1 J . -10.13 6.63 -15.49
N3 FE1 J . -11.66 8.37 -15.57
C2 FE1 J . -12.62 9.03 -16.21
N1 FE1 J . -13.07 8.56 -17.40
N2 FE1 J . -13.17 10.08 -15.62
PA NAP K . 20.94 -15.43 -6.56
O1A NAP K . 22.29 -15.32 -7.24
O2A NAP K . 19.73 -15.96 -7.30
O5B NAP K . 21.13 -16.29 -5.22
C5B NAP K . 21.74 -15.69 -4.08
C4B NAP K . 22.56 -16.70 -3.29
O4B NAP K . 21.70 -17.40 -2.39
C3B NAP K . 23.25 -17.79 -4.10
O3B NAP K . 24.59 -17.41 -4.44
C2B NAP K . 23.26 -19.02 -3.18
O2B NAP K . 24.53 -19.28 -2.59
C1B NAP K . 22.30 -18.64 -2.07
N9A NAP K . 21.29 -19.71 -1.91
C8A NAP K . 20.34 -20.11 -2.79
N7A NAP K . 19.63 -21.15 -2.28
C5A NAP K . 20.14 -21.42 -1.06
C6A NAP K . 19.88 -22.38 0.03
N6A NAP K . 18.89 -23.31 -0.05
N1A NAP K . 20.67 -22.29 1.13
C2A NAP K . 21.66 -21.38 1.23
N3A NAP K . 21.96 -20.47 0.29
C4A NAP K . 21.24 -20.47 -0.84
O3 NAP K . 20.57 -13.99 -5.93
PN NAP K . 20.78 -12.57 -6.68
O1N NAP K . 22.19 -12.07 -6.49
O2N NAP K . 20.16 -12.66 -8.05
O5D NAP K . 19.82 -11.69 -5.74
C5D NAP K . 20.20 -11.41 -4.39
C4D NAP K . 18.99 -10.92 -3.60
O4D NAP K . 18.26 -9.91 -4.35
C3D NAP K . 18.02 -12.08 -3.42
O3D NAP K . 17.48 -12.02 -2.09
C2D NAP K . 16.94 -11.86 -4.46
O2D NAP K . 15.67 -12.42 -4.11
C1D NAP K . 16.92 -10.35 -4.55
N1N NAP K . 16.44 -9.96 -5.88
C2N NAP K . 17.27 -10.04 -6.94
C3N NAP K . 16.80 -9.68 -8.19
C7N NAP K . 17.66 -9.74 -9.42
O7N NAP K . 17.43 -8.97 -10.34
N7N NAP K . 18.66 -10.62 -9.50
C4N NAP K . 15.48 -9.24 -8.31
C5N NAP K . 14.66 -9.18 -7.20
C6N NAP K . 15.17 -9.55 -5.97
P2B NAP K . 25.54 -20.45 -3.05
O1X NAP K . 25.72 -20.05 -4.50
O2X NAP K . 24.84 -21.77 -2.84
O3X NAP K . 26.73 -20.28 -2.15
PA NAP L . 7.36 24.04 7.83
O1A NAP L . 8.36 24.68 8.79
O2A NAP L . 5.98 23.85 8.38
O5B NAP L . 7.23 24.85 6.45
C5B NAP L . 8.37 24.97 5.62
C4B NAP L . 8.29 26.30 4.88
O4B NAP L . 7.19 26.23 3.97
C3B NAP L . 7.95 27.52 5.73
O3B NAP L . 9.14 28.04 6.35
C2B NAP L . 7.35 28.47 4.70
O2B NAP L . 8.26 29.50 4.26
C1B NAP L . 7.00 27.54 3.52
N9A NAP L . 5.62 27.85 3.14
C8A NAP L . 4.49 27.71 3.89
N7A NAP L . 3.43 28.20 3.22
C5A NAP L . 3.89 28.71 2.05
C6A NAP L . 3.32 29.41 0.88
N6A NAP L . 1.99 29.70 0.81
N1A NAP L . 4.17 29.77 -0.11
C2A NAP L . 5.50 29.51 -0.09
N3A NAP L . 6.08 28.86 0.94
C4A NAP L . 5.32 28.48 2.01
O3 NAP L . 8.03 22.64 7.30
PN NAP L . 8.91 21.60 8.10
O1N NAP L . 10.32 22.08 8.07
O2N NAP L . 8.15 21.27 9.37
O5D NAP L . 8.74 20.35 7.08
C5D NAP L . 9.53 20.24 5.90
C4D NAP L . 8.75 19.34 4.92
O4D NAP L . 8.71 18.04 5.55
C3D NAP L . 7.31 19.75 4.62
O3D NAP L . 6.96 19.41 3.26
C2D NAP L . 6.51 18.86 5.54
O2D NAP L . 5.17 18.60 5.09
C1D NAP L . 7.34 17.60 5.64
N1N NAP L . 7.07 16.95 6.93
C2N NAP L . 7.50 17.48 8.11
C3N NAP L . 7.24 16.86 9.32
C7N NAP L . 7.72 17.42 10.62
O7N NAP L . 7.64 16.71 11.62
N7N NAP L . 8.24 18.67 10.71
C4N NAP L . 6.50 15.65 9.32
C5N NAP L . 6.06 15.11 8.09
C6N NAP L . 6.36 15.78 6.90
P2B NAP L . 8.46 30.95 5.02
O1X NAP L . 8.86 30.59 6.42
O2X NAP L . 7.17 31.69 4.89
O3X NAP L . 9.58 31.54 4.16
OAZ FE1 M . -1.62 18.58 16.02
CAU FE1 M . -0.83 19.26 15.36
NAV FE1 M . -1.10 20.60 15.13
CAW FE1 M . -0.21 21.53 14.38
CAX FE1 M . -0.95 22.16 13.23
CBA FE1 M . -2.34 21.26 15.62
CBB FE1 M . -2.28 22.77 15.26
CBC FE1 M . -2.13 22.93 13.74
CBD FE1 M . -1.95 24.40 13.30
OBG FE1 M . -1.01 24.71 12.58
OBE FE1 M . -2.92 25.26 13.71
CBF FE1 M . -2.90 26.43 12.91
CAT FE1 M . 0.37 18.61 14.90
CAS FE1 M . 0.47 17.22 14.59
CAR FE1 M . 1.68 16.63 14.14
CAJ FE1 M . 2.84 17.44 13.99
CAK FE1 M . 2.69 18.81 14.27
CAL FE1 M . 1.51 19.37 14.72
N10 FE1 M . 4.06 17.06 13.53
CAB FE1 M . 4.35 15.62 13.27
C9 FE1 M . 5.15 18.07 13.34
C6 FE1 M . 5.05 18.89 12.17
N5 FE1 M . 4.57 18.41 10.97
C4A FE1 M . 4.52 19.22 9.88
C8A FE1 M . 4.99 20.54 9.96
N8 FE1 M . 5.45 21.04 11.13
C7 FE1 M . 5.50 20.21 12.25
C4 FE1 M . 4.09 18.78 8.61
N4 FE1 M . 3.65 17.53 8.44
N3 FE1 M . 4.07 19.62 7.55
C2 FE1 M . 4.50 20.89 7.67
N1 FE1 M . 4.97 21.32 8.86
N2 FE1 M . 4.50 21.69 6.62
#